data_5LO9
#
_entry.id   5LO9
#
_cell.length_a   159.753
_cell.length_b   159.753
_cell.length_c   393.086
_cell.angle_alpha   90.00
_cell.angle_beta   90.00
_cell.angle_gamma   120.00
#
_symmetry.space_group_name_H-M   'H 3 2'
#
loop_
_entity.id
_entity.type
_entity.pdbx_description
1 polymer 'Cytochrome C'
2 non-polymer 'HEME C'
3 non-polymer 'CHLORIDE ION'
4 non-polymer S-1,2-PROPANEDIOL
5 non-polymer THIOSULFATE
6 non-polymer 1,2-ETHANEDIOL
7 non-polymer 'TRIETHYLENE GLYCOL'
8 water water
#
_entity_poly.entity_id   1
_entity_poly.type   'polypeptide(L)'
_entity_poly.pdbx_seq_one_letter_code
;PFERGRTLAEQGDAARGIVACAGCHRADGGGDEALGAARLAGLEPAYLATQIERFRAGQRSHPVMSPWAERLTPVDIAAV
SAYYGALAPASNARAPSDVDAAAGRALAETGDWPERDLPACVRCHGPGGVGAGAVFPPLAGQPYSYLLAQLQAWGTGRRH
GEPMALMGAVAGRLDADEQRALAAYFATRPLAVADPADDLPDPSPPPATASVSTPAMTVAGANAVVPEHLGAVPAGRAEA
ASRFTPPSRDALPEGPLGEMVRLGARLFRHTNTDPRSAPHVGNDQTCAGCHLDNGRRADASPMWAAWVAYPAYRGKNQRV
DTMAERIQGCFRYSMNAQDSVSGQVPETNGLVLDALQSYIFWLATGAPTGDTAMSGRGYPRLQPPAEGFDRTRGAALYAE
HCALCHGAEGEGLLVDGEVVFPPLWGPRSYNWGAGMHRVDTAAAFIAANMPLLDTVRLTPQEAWDVAAYINAHERPQDPR
FDGSVERTAARFHASPFDLYGEPLGVDGAVLGQGVAKDLEHHHHHH
;
_entity_poly.pdbx_strand_id   A,B
#
# COMPACT_ATOMS: atom_id res chain seq x y z
N PRO A 1 38.14 29.58 -39.90
CA PRO A 1 36.93 30.21 -39.33
C PRO A 1 37.11 30.56 -37.84
N PHE A 2 37.82 29.70 -37.10
CA PHE A 2 38.23 30.02 -35.72
C PHE A 2 39.26 31.16 -35.70
N GLU A 3 39.97 31.41 -36.84
CA GLU A 3 41.01 32.44 -36.88
C GLU A 3 40.41 33.83 -37.10
N ARG A 4 39.48 33.95 -38.05
CA ARG A 4 38.77 35.22 -38.19
C ARG A 4 38.02 35.52 -36.91
N GLY A 5 37.33 34.51 -36.36
CA GLY A 5 36.65 34.68 -35.08
C GLY A 5 37.56 35.18 -33.98
N ARG A 6 38.75 34.58 -33.85
CA ARG A 6 39.67 35.02 -32.79
C ARG A 6 40.06 36.47 -32.99
N THR A 7 40.42 36.85 -34.22
CA THR A 7 40.90 38.22 -34.39
C THR A 7 39.76 39.22 -34.16
N LEU A 8 38.52 38.89 -34.54
CA LEU A 8 37.39 39.77 -34.22
C LEU A 8 37.10 39.81 -32.73
N ALA A 9 37.17 38.67 -32.06
CA ALA A 9 36.90 38.70 -30.63
C ALA A 9 38.00 39.44 -29.88
N GLU A 10 39.27 39.23 -30.23
CA GLU A 10 40.37 39.76 -29.42
C GLU A 10 40.82 41.15 -29.84
N GLN A 11 40.73 41.48 -31.13
CA GLN A 11 41.28 42.74 -31.62
C GLN A 11 40.34 43.55 -32.51
N GLY A 12 39.22 42.98 -32.94
CA GLY A 12 38.39 43.67 -33.89
C GLY A 12 39.09 43.76 -35.23
N ASP A 13 38.45 44.53 -36.12
CA ASP A 13 38.95 44.84 -37.48
C ASP A 13 38.82 46.35 -37.62
N ALA A 14 39.90 47.09 -37.31
CA ALA A 14 39.87 48.56 -37.45
C ALA A 14 39.39 48.98 -38.85
N ALA A 15 39.87 48.31 -39.89
CA ALA A 15 39.51 48.66 -41.25
C ALA A 15 37.99 48.73 -41.41
N ARG A 16 37.30 47.63 -41.09
CA ARG A 16 35.84 47.52 -41.19
C ARG A 16 35.12 48.29 -40.07
N GLY A 17 35.84 48.93 -39.16
CA GLY A 17 35.22 49.68 -38.07
C GLY A 17 34.49 48.81 -37.08
N ILE A 18 35.08 47.69 -36.70
CA ILE A 18 34.47 46.73 -35.78
C ILE A 18 35.37 46.63 -34.56
N VAL A 19 34.80 46.93 -33.38
CA VAL A 19 35.54 46.84 -32.13
C VAL A 19 35.67 45.39 -31.70
N ALA A 20 36.65 45.16 -30.85
CA ALA A 20 36.88 43.83 -30.30
C ALA A 20 35.68 43.41 -29.47
N CYS A 21 35.12 42.22 -29.77
CA CYS A 21 34.02 41.73 -28.94
C CYS A 21 34.42 41.63 -27.47
N ALA A 22 35.68 41.28 -27.21
CA ALA A 22 36.11 41.18 -25.84
C ALA A 22 36.11 42.53 -25.14
N GLY A 23 35.90 43.62 -25.86
CA GLY A 23 35.80 44.89 -25.16
C GLY A 23 34.67 44.93 -24.14
N CYS A 24 33.59 44.18 -24.40
CA CYS A 24 32.45 44.13 -23.48
C CYS A 24 32.19 42.73 -22.92
N HIS A 25 32.40 41.68 -23.70
CA HIS A 25 32.17 40.32 -23.23
C HIS A 25 33.37 39.72 -22.52
N ARG A 26 34.49 40.46 -22.51
CA ARG A 26 35.75 40.09 -21.87
C ARG A 26 36.46 38.95 -22.58
N ALA A 27 37.74 38.77 -22.22
CA ALA A 27 38.65 37.91 -22.96
C ALA A 27 38.25 36.44 -22.83
N ASP A 28 37.75 36.05 -21.66
CA ASP A 28 37.33 34.67 -21.46
C ASP A 28 35.94 34.36 -22.04
N GLY A 29 35.25 35.32 -22.65
CA GLY A 29 33.88 35.12 -23.13
C GLY A 29 32.85 35.07 -22.01
N GLY A 30 33.24 35.45 -20.80
CA GLY A 30 32.45 35.32 -19.60
C GLY A 30 31.39 36.36 -19.31
N GLY A 31 31.25 37.41 -20.14
CA GLY A 31 30.26 38.44 -19.87
C GLY A 31 30.73 39.53 -18.93
N ASP A 32 29.86 40.53 -18.71
CA ASP A 32 30.21 41.62 -17.81
C ASP A 32 28.95 42.10 -17.10
N GLU A 33 28.99 42.10 -15.77
CA GLU A 33 27.83 42.51 -14.98
C GLU A 33 27.46 43.96 -15.24
N ALA A 34 28.44 44.87 -15.18
CA ALA A 34 28.15 46.30 -15.28
C ALA A 34 27.50 46.69 -16.60
N LEU A 35 27.99 46.14 -17.72
CA LEU A 35 27.43 46.39 -19.05
C LEU A 35 26.21 45.53 -19.34
N GLY A 36 25.99 44.47 -18.57
CA GLY A 36 24.95 43.54 -18.97
C GLY A 36 25.31 42.80 -20.23
N ALA A 37 26.60 42.60 -20.47
CA ALA A 37 27.07 41.85 -21.62
C ALA A 37 27.02 40.37 -21.32
N ALA A 38 26.46 39.60 -22.24
CA ALA A 38 26.19 38.20 -22.02
C ALA A 38 27.47 37.41 -21.94
N ARG A 39 27.35 36.24 -21.32
CA ARG A 39 28.30 35.17 -21.55
C ARG A 39 28.15 34.65 -22.97
N LEU A 40 29.25 34.55 -23.68
CA LEU A 40 29.24 33.91 -24.99
C LEU A 40 30.01 32.59 -25.02
N ALA A 41 30.89 32.35 -24.06
CA ALA A 41 31.83 31.23 -24.10
C ALA A 41 31.12 29.89 -23.91
N GLY A 42 31.24 29.01 -24.89
CA GLY A 42 30.63 27.71 -24.84
C GLY A 42 29.21 27.61 -25.32
N LEU A 43 28.58 28.73 -25.67
CA LEU A 43 27.22 28.66 -26.19
C LEU A 43 27.23 27.98 -27.55
N GLU A 44 26.13 27.33 -27.89
CA GLU A 44 26.07 26.61 -29.14
C GLU A 44 26.24 27.59 -30.30
N PRO A 45 27.15 27.32 -31.24
CA PRO A 45 27.35 28.27 -32.36
C PRO A 45 26.09 28.63 -33.12
N ALA A 46 25.20 27.67 -33.38
CA ALA A 46 23.96 28.02 -34.06
C ALA A 46 23.14 29.02 -33.26
N TYR A 47 23.18 28.92 -31.93
CA TYR A 47 22.41 29.83 -31.10
C TYR A 47 22.97 31.23 -31.20
N LEU A 48 24.30 31.35 -31.07
CA LEU A 48 24.92 32.67 -31.17
C LEU A 48 24.56 33.33 -32.50
N ALA A 49 24.70 32.58 -33.59
CA ALA A 49 24.40 33.14 -34.89
C ALA A 49 22.93 33.53 -34.99
N THR A 50 22.03 32.70 -34.46
CA THR A 50 20.61 33.05 -34.50
C THR A 50 20.36 34.33 -33.71
N GLN A 51 21.06 34.52 -32.59
CA GLN A 51 20.83 35.72 -31.80
C GLN A 51 21.37 36.95 -32.52
N ILE A 52 22.53 36.84 -33.16
CA ILE A 52 23.02 37.97 -33.96
C ILE A 52 21.99 38.32 -35.03
N GLU A 53 21.41 37.31 -35.65
CA GLU A 53 20.43 37.56 -36.68
C GLU A 53 19.13 38.08 -36.08
N ARG A 54 18.82 37.72 -34.83
CA ARG A 54 17.63 38.30 -34.19
C ARG A 54 17.78 39.80 -34.04
N PHE A 55 18.96 40.24 -33.60
CA PHE A 55 19.25 41.66 -33.49
C PHE A 55 19.05 42.34 -34.85
N ARG A 56 19.57 41.71 -35.91
CA ARG A 56 19.50 42.28 -37.26
C ARG A 56 18.08 42.36 -37.79
N ALA A 57 17.23 41.42 -37.40
CA ALA A 57 15.84 41.33 -37.81
C ALA A 57 14.88 42.20 -36.97
N GLY A 58 15.34 42.74 -35.85
CA GLY A 58 14.48 43.50 -34.99
C GLY A 58 13.71 42.71 -33.97
N GLN A 59 13.95 41.41 -33.85
CA GLN A 59 13.38 40.66 -32.75
C GLN A 59 14.08 40.93 -31.42
N ARG A 60 15.27 41.52 -31.47
CA ARG A 60 16.00 41.95 -30.29
C ARG A 60 16.58 43.32 -30.55
N SER A 61 16.57 44.16 -29.51
CA SER A 61 17.09 45.52 -29.63
C SER A 61 17.82 45.88 -28.36
N HIS A 62 19.01 46.43 -28.53
CA HIS A 62 19.76 46.89 -27.40
C HIS A 62 20.59 48.03 -27.96
N PRO A 63 20.55 49.19 -27.35
CA PRO A 63 21.31 50.30 -27.91
C PRO A 63 22.80 50.05 -27.98
N VAL A 64 23.34 49.19 -27.11
CA VAL A 64 24.78 48.90 -27.12
C VAL A 64 25.13 47.83 -28.14
N MET A 65 24.33 46.78 -28.24
CA MET A 65 24.77 45.62 -29.02
C MET A 65 24.26 45.66 -30.45
N SER A 66 23.03 46.11 -30.68
CA SER A 66 22.47 46.12 -32.04
C SER A 66 23.40 46.69 -33.10
N PRO A 67 24.20 47.74 -32.84
CA PRO A 67 25.07 48.25 -33.90
C PRO A 67 26.21 47.32 -34.25
N TRP A 68 26.79 46.65 -33.26
CA TRP A 68 27.83 45.67 -33.59
C TRP A 68 27.25 44.45 -34.29
N ALA A 69 26.00 44.12 -34.01
CA ALA A 69 25.39 43.03 -34.75
C ALA A 69 25.13 43.41 -36.19
N GLU A 70 24.83 44.70 -36.50
CA GLU A 70 24.53 45.06 -37.89
C GLU A 70 25.81 45.18 -38.73
N ARG A 71 26.94 45.50 -38.10
CA ARG A 71 28.18 45.69 -38.83
C ARG A 71 28.84 44.40 -39.27
N LEU A 72 28.38 43.25 -38.79
CA LEU A 72 28.98 41.97 -39.18
C LEU A 72 28.53 41.57 -40.58
N THR A 73 29.44 40.96 -41.33
CA THR A 73 29.04 40.29 -42.56
C THR A 73 28.63 38.87 -42.22
N PRO A 74 27.90 38.22 -43.09
CA PRO A 74 27.56 36.80 -42.82
C PRO A 74 28.77 35.93 -42.51
N VAL A 75 29.86 36.07 -43.27
CA VAL A 75 31.06 35.29 -43.00
C VAL A 75 31.62 35.63 -41.62
N ASP A 76 31.57 36.92 -41.23
CA ASP A 76 32.00 37.34 -39.89
C ASP A 76 31.14 36.68 -38.80
N ILE A 77 29.83 36.66 -38.99
CA ILE A 77 28.89 36.04 -38.05
C ILE A 77 29.28 34.58 -37.80
N ALA A 78 29.38 33.81 -38.87
CA ALA A 78 29.74 32.41 -38.70
C ALA A 78 31.10 32.22 -38.02
N ALA A 79 32.07 33.10 -38.29
CA ALA A 79 33.37 32.92 -37.66
C ALA A 79 33.31 33.14 -36.16
N VAL A 80 32.69 34.25 -35.72
CA VAL A 80 32.63 34.52 -34.26
C VAL A 80 31.74 33.51 -33.57
N SER A 81 30.68 33.05 -34.22
CA SER A 81 29.87 32.00 -33.60
C SER A 81 30.71 30.76 -33.32
N ALA A 82 31.52 30.32 -34.30
CA ALA A 82 32.38 29.15 -34.09
C ALA A 82 33.46 29.42 -33.07
N TYR A 83 33.99 30.64 -33.02
CA TYR A 83 35.04 30.95 -32.05
C TYR A 83 34.52 30.85 -30.62
N TYR A 84 33.40 31.53 -30.32
CA TYR A 84 32.89 31.54 -28.96
C TYR A 84 32.35 30.18 -28.56
N GLY A 85 31.88 29.39 -29.53
CA GLY A 85 31.38 28.07 -29.25
C GLY A 85 32.47 27.07 -28.93
N ALA A 86 33.67 27.32 -29.42
CA ALA A 86 34.81 26.46 -29.12
C ALA A 86 35.47 26.77 -27.79
N LEU A 87 35.22 27.93 -27.20
CA LEU A 87 35.85 28.26 -25.94
C LEU A 87 35.36 27.37 -24.80
N ALA A 88 36.22 27.25 -23.80
CA ALA A 88 35.76 26.63 -22.58
C ALA A 88 34.73 27.53 -21.96
N PRO A 89 33.67 26.97 -21.39
CA PRO A 89 32.71 27.79 -20.67
C PRO A 89 33.41 28.68 -19.66
N ALA A 90 32.83 29.86 -19.46
CA ALA A 90 33.36 30.82 -18.50
C ALA A 90 32.24 31.75 -18.09
N SER A 91 32.42 32.36 -16.92
CA SER A 91 31.43 33.30 -16.43
C SER A 91 32.12 34.34 -15.59
N ASN A 92 31.74 35.58 -15.81
CA ASN A 92 32.18 36.68 -14.97
C ASN A 92 30.98 37.26 -14.23
N ALA A 93 30.08 36.36 -13.85
CA ALA A 93 28.87 36.74 -13.14
C ALA A 93 29.15 37.13 -11.70
N ARG A 94 28.33 38.03 -11.20
CA ARG A 94 28.36 38.39 -9.79
C ARG A 94 26.97 38.89 -9.43
N ALA A 95 26.24 38.09 -8.66
CA ALA A 95 24.86 38.42 -8.32
C ALA A 95 24.85 39.39 -7.14
N PRO A 96 23.78 40.20 -7.03
CA PRO A 96 23.67 41.13 -5.91
C PRO A 96 23.48 40.46 -4.55
N SER A 97 24.04 41.12 -3.52
CA SER A 97 23.86 40.72 -2.13
C SER A 97 22.47 41.03 -1.59
N ASP A 98 21.73 41.93 -2.23
CA ASP A 98 20.38 42.33 -1.82
C ASP A 98 19.28 41.46 -2.42
N VAL A 99 19.62 40.29 -2.97
CA VAL A 99 18.65 39.43 -3.64
C VAL A 99 18.90 37.96 -3.27
N ASP A 100 17.84 37.29 -2.84
CA ASP A 100 17.93 35.94 -2.27
C ASP A 100 17.87 34.91 -3.40
N ALA A 101 19.03 34.42 -3.85
CA ALA A 101 19.03 33.44 -4.92
C ALA A 101 18.21 32.19 -4.57
N ALA A 102 18.10 31.84 -3.30
CA ALA A 102 17.35 30.64 -2.96
C ALA A 102 15.88 30.76 -3.33
N ALA A 103 15.35 31.98 -3.39
CA ALA A 103 13.94 32.18 -3.73
C ALA A 103 13.60 31.80 -5.16
N GLY A 104 14.61 31.64 -6.02
CA GLY A 104 14.38 31.20 -7.36
C GLY A 104 14.44 29.68 -7.51
N ARG A 105 15.07 28.97 -6.56
CA ARG A 105 15.22 27.52 -6.70
C ARG A 105 13.90 26.82 -7.02
N ALA A 106 12.80 27.24 -6.38
CA ALA A 106 11.57 26.50 -6.60
C ALA A 106 11.16 26.56 -8.05
N LEU A 107 11.10 27.77 -8.61
CA LEU A 107 10.70 27.90 -10.01
C LEU A 107 11.72 27.28 -10.95
N ALA A 108 13.02 27.44 -10.65
CA ALA A 108 14.04 26.95 -11.57
C ALA A 108 13.94 25.46 -11.76
N GLU A 109 13.65 24.73 -10.67
CA GLU A 109 13.83 23.28 -10.64
C GLU A 109 12.53 22.49 -10.63
N THR A 110 11.43 23.08 -10.14
CA THR A 110 10.11 22.47 -10.09
C THR A 110 8.97 23.30 -10.67
N GLY A 111 9.21 24.57 -11.04
CA GLY A 111 8.19 25.38 -11.71
C GLY A 111 7.00 25.67 -10.81
N ASP A 112 5.85 25.94 -11.47
CA ASP A 112 4.57 26.14 -10.79
C ASP A 112 3.45 25.63 -11.70
N TRP A 113 3.29 24.33 -11.74
CA TRP A 113 2.21 23.78 -12.55
C TRP A 113 0.84 24.13 -11.96
N PRO A 114 0.68 24.01 -10.64
CA PRO A 114 -0.68 24.12 -10.06
C PRO A 114 -1.35 25.45 -10.26
N GLU A 115 -0.63 26.56 -10.10
CA GLU A 115 -1.25 27.87 -10.28
C GLU A 115 -0.97 28.51 -11.64
N ARG A 116 0.10 28.15 -12.35
CA ARG A 116 0.43 28.84 -13.58
C ARG A 116 0.73 27.91 -14.77
N ASP A 117 0.52 26.59 -14.65
CA ASP A 117 0.78 25.67 -15.77
C ASP A 117 2.20 25.88 -16.31
N LEU A 118 3.12 26.21 -15.42
CA LEU A 118 4.44 26.68 -15.78
C LEU A 118 5.48 25.61 -15.49
N PRO A 119 6.17 25.05 -16.48
CA PRO A 119 7.22 24.07 -16.19
C PRO A 119 8.44 24.70 -15.53
N ALA A 120 9.26 23.87 -14.89
CA ALA A 120 10.54 24.33 -14.38
C ALA A 120 11.43 24.85 -15.50
N CYS A 121 12.23 25.86 -15.18
CA CYS A 121 13.15 26.36 -16.19
C CYS A 121 14.03 25.22 -16.70
N VAL A 122 14.43 24.30 -15.82
CA VAL A 122 15.36 23.25 -16.23
C VAL A 122 14.70 22.21 -17.10
N ARG A 123 13.38 22.22 -17.21
CA ARG A 123 12.70 21.25 -18.05
C ARG A 123 13.00 21.49 -19.53
N CYS A 124 13.27 22.73 -19.92
CA CYS A 124 13.73 23.08 -21.26
C CYS A 124 15.19 23.49 -21.30
N HIS A 125 15.71 24.09 -20.22
CA HIS A 125 17.08 24.60 -20.23
C HIS A 125 18.11 23.60 -19.74
N GLY A 126 17.71 22.37 -19.49
CA GLY A 126 18.66 21.35 -19.17
C GLY A 126 19.05 21.34 -17.70
N PRO A 127 19.77 20.30 -17.31
CA PRO A 127 20.14 20.14 -15.91
C PRO A 127 20.92 21.33 -15.40
N GLY A 128 20.47 21.86 -14.29
CA GLY A 128 21.11 23.02 -13.71
C GLY A 128 21.30 24.20 -14.62
N GLY A 129 20.54 24.23 -15.74
CA GLY A 129 20.61 25.29 -16.73
C GLY A 129 21.87 25.39 -17.54
N VAL A 130 22.52 24.25 -17.81
CA VAL A 130 23.69 24.25 -18.68
C VAL A 130 23.32 24.26 -20.16
N GLY A 131 22.04 24.27 -20.48
CA GLY A 131 21.62 24.28 -21.85
C GLY A 131 21.16 22.90 -22.30
N ALA A 132 20.35 22.89 -23.39
CA ALA A 132 19.79 21.69 -23.98
C ALA A 132 19.88 21.81 -25.51
N GLY A 133 21.08 21.72 -26.03
CA GLY A 133 21.24 21.84 -27.46
C GLY A 133 21.14 23.27 -27.96
N ALA A 134 21.00 23.39 -29.28
CA ALA A 134 21.07 24.71 -29.92
C ALA A 134 19.83 25.56 -29.67
N VAL A 135 18.64 24.92 -29.68
CA VAL A 135 17.40 25.65 -29.41
C VAL A 135 17.40 26.27 -28.03
N PHE A 136 17.92 25.57 -27.04
CA PHE A 136 17.66 25.93 -25.65
C PHE A 136 18.96 26.36 -24.98
N PRO A 137 19.21 27.66 -24.81
CA PRO A 137 20.52 28.13 -24.39
C PRO A 137 20.73 27.93 -22.90
N PRO A 138 21.98 27.99 -22.43
CA PRO A 138 22.24 27.94 -21.00
C PRO A 138 21.81 29.23 -20.33
N LEU A 139 21.34 29.09 -19.10
CA LEU A 139 21.17 30.18 -18.13
C LEU A 139 22.28 30.20 -17.07
N ALA A 140 22.92 29.07 -16.84
CA ALA A 140 23.95 28.99 -15.83
C ALA A 140 25.13 29.86 -16.17
N GLY A 141 25.51 30.72 -15.22
CA GLY A 141 26.66 31.58 -15.38
C GLY A 141 26.43 32.83 -16.20
N GLN A 142 25.27 32.99 -16.85
CA GLN A 142 24.99 34.26 -17.49
C GLN A 142 24.92 35.35 -16.42
N PRO A 143 25.47 36.52 -16.67
CA PRO A 143 25.42 37.59 -15.66
C PRO A 143 23.99 37.88 -15.21
N TYR A 144 23.88 38.27 -13.94
CA TYR A 144 22.58 38.63 -13.38
C TYR A 144 21.91 39.71 -14.19
N SER A 145 22.65 40.77 -14.50
CA SER A 145 22.07 41.90 -15.23
C SER A 145 21.51 41.45 -16.58
N TYR A 146 22.20 40.50 -17.24
CA TYR A 146 21.79 40.06 -18.57
C TYR A 146 20.52 39.22 -18.51
N LEU A 147 20.51 38.22 -17.61
CA LEU A 147 19.33 37.39 -17.42
C LEU A 147 18.11 38.24 -17.05
N LEU A 148 18.28 39.20 -16.14
CA LEU A 148 17.13 39.99 -15.72
C LEU A 148 16.63 40.88 -16.87
N ALA A 149 17.56 41.41 -17.67
CA ALA A 149 17.13 42.22 -18.81
C ALA A 149 16.29 41.40 -19.78
N GLN A 150 16.72 40.17 -20.12
CA GLN A 150 15.95 39.37 -21.04
C GLN A 150 14.54 39.11 -20.51
N LEU A 151 14.43 38.78 -19.22
CA LEU A 151 13.12 38.48 -18.68
C LEU A 151 12.26 39.73 -18.68
N GLN A 152 12.83 40.88 -18.35
CA GLN A 152 12.09 42.13 -18.45
C GLN A 152 11.70 42.40 -19.89
N ALA A 153 12.57 42.07 -20.85
CA ALA A 153 12.26 42.30 -22.25
C ALA A 153 11.08 41.47 -22.72
N TRP A 154 11.12 40.17 -22.45
CA TRP A 154 10.04 39.32 -22.94
C TRP A 154 8.73 39.69 -22.27
N GLY A 155 8.79 40.09 -20.99
CA GLY A 155 7.58 40.39 -20.25
C GLY A 155 6.88 41.65 -20.72
N THR A 156 7.58 42.47 -21.49
CA THR A 156 7.03 43.68 -22.05
C THR A 156 6.99 43.71 -23.57
N GLY A 157 7.51 42.69 -24.26
CA GLY A 157 7.44 42.60 -25.71
C GLY A 157 8.60 43.23 -26.45
N ARG A 158 9.61 43.69 -25.75
CA ARG A 158 10.83 44.21 -26.35
C ARG A 158 11.80 43.10 -26.76
N ARG A 159 11.39 41.83 -26.62
CA ARG A 159 12.08 40.69 -27.20
C ARG A 159 11.04 39.67 -27.64
N HIS A 160 11.23 39.13 -28.85
CA HIS A 160 10.27 38.16 -29.35
C HIS A 160 10.97 37.32 -30.42
N GLY A 161 10.19 36.52 -31.14
CA GLY A 161 10.66 35.76 -32.28
C GLY A 161 11.06 34.32 -32.01
N GLU A 162 11.14 33.90 -30.75
CA GLU A 162 11.57 32.57 -30.45
C GLU A 162 10.47 31.56 -30.77
N PRO A 163 10.83 30.29 -30.98
CA PRO A 163 9.83 29.29 -31.37
C PRO A 163 8.66 29.23 -30.40
N MET A 164 7.47 29.09 -30.98
CA MET A 164 6.22 28.83 -30.24
C MET A 164 5.96 29.85 -29.15
N ALA A 165 6.65 30.99 -29.22
CA ALA A 165 6.45 32.09 -28.27
C ALA A 165 6.74 31.64 -26.84
N LEU A 166 7.63 30.67 -26.68
CA LEU A 166 7.73 29.97 -25.41
C LEU A 166 8.14 30.92 -24.28
N MET A 167 9.12 31.79 -24.54
CA MET A 167 9.64 32.64 -23.48
C MET A 167 8.78 33.85 -23.26
N GLY A 168 7.95 34.22 -24.22
CA GLY A 168 6.97 35.23 -23.91
C GLY A 168 5.97 34.70 -22.91
N ALA A 169 5.55 33.45 -23.11
CA ALA A 169 4.63 32.84 -22.18
C ALA A 169 5.29 32.65 -20.81
N VAL A 170 6.55 32.26 -20.76
CA VAL A 170 7.18 32.11 -19.46
C VAL A 170 7.30 33.46 -18.77
N ALA A 171 7.80 34.47 -19.49
CA ALA A 171 8.06 35.74 -18.82
C ALA A 171 6.78 36.38 -18.35
N GLY A 172 5.69 36.16 -19.09
CA GLY A 172 4.38 36.67 -18.78
C GLY A 172 3.77 36.12 -17.52
N ARG A 173 4.33 35.04 -16.98
CA ARG A 173 3.78 34.36 -15.83
C ARG A 173 4.63 34.57 -14.59
N LEU A 174 5.64 35.43 -14.66
CA LEU A 174 6.51 35.76 -13.53
C LEU A 174 6.28 37.20 -13.10
N ASP A 175 6.35 37.45 -11.78
CA ASP A 175 6.34 38.81 -11.25
C ASP A 175 7.79 39.29 -11.07
N ALA A 176 7.94 40.60 -10.82
CA ALA A 176 9.26 41.21 -10.77
C ALA A 176 10.19 40.52 -9.76
N ASP A 177 9.67 40.18 -8.58
CA ASP A 177 10.48 39.53 -7.56
C ASP A 177 11.01 38.20 -8.06
N GLU A 178 10.15 37.44 -8.73
CA GLU A 178 10.58 36.13 -9.20
C GLU A 178 11.66 36.29 -10.27
N GLN A 179 11.55 37.33 -11.10
CA GLN A 179 12.55 37.56 -12.13
C GLN A 179 13.92 37.80 -11.53
N ARG A 180 13.99 38.60 -10.46
CA ARG A 180 15.27 38.84 -9.82
C ARG A 180 15.81 37.56 -9.19
N ALA A 181 14.94 36.81 -8.50
CA ALA A 181 15.42 35.61 -7.83
C ALA A 181 15.93 34.59 -8.83
N LEU A 182 15.17 34.38 -9.92
CA LEU A 182 15.58 33.47 -10.98
C LEU A 182 16.87 33.92 -11.62
N ALA A 183 17.04 35.23 -11.79
CA ALA A 183 18.28 35.69 -12.38
C ALA A 183 19.44 35.46 -11.42
N ALA A 184 19.22 35.73 -10.14
CA ALA A 184 20.30 35.50 -9.18
C ALA A 184 20.61 34.01 -9.05
N TYR A 185 19.55 33.18 -9.02
CA TYR A 185 19.75 31.75 -8.92
C TYR A 185 20.61 31.24 -10.06
N PHE A 186 20.22 31.52 -11.29
CA PHE A 186 20.97 30.95 -12.41
C PHE A 186 22.31 31.63 -12.59
N ALA A 187 22.42 32.90 -12.22
CA ALA A 187 23.72 33.56 -12.30
C ALA A 187 24.74 32.92 -11.34
N THR A 188 24.27 32.33 -10.23
CA THR A 188 25.18 31.69 -9.28
C THR A 188 25.25 30.17 -9.47
N ARG A 189 24.84 29.61 -10.67
CA ARG A 189 25.13 28.19 -10.81
C ARG A 189 26.51 27.95 -11.42
N PRO A 190 27.07 26.77 -11.15
CA PRO A 190 28.26 26.33 -11.88
C PRO A 190 27.92 25.93 -13.31
N LEU A 191 28.93 25.98 -14.17
CA LEU A 191 28.75 25.73 -15.60
C LEU A 191 28.79 24.25 -16.00
N ALA A 192 29.02 23.32 -15.05
CA ALA A 192 29.11 21.88 -15.37
C ALA A 192 28.51 20.99 -14.26
N ARG A 237 -6.49 27.52 -6.32
CA ARG A 237 -6.94 27.19 -7.70
C ARG A 237 -7.37 25.72 -7.93
N ALA A 238 -6.70 24.76 -7.26
CA ALA A 238 -7.28 23.42 -7.12
C ALA A 238 -8.52 23.45 -6.21
N GLU A 239 -8.56 24.37 -5.24
CA GLU A 239 -9.76 24.51 -4.42
C GLU A 239 -10.99 24.81 -5.27
N ALA A 240 -10.89 25.81 -6.17
CA ALA A 240 -12.03 26.21 -7.00
C ALA A 240 -12.46 25.14 -8.02
N ALA A 241 -11.56 24.21 -8.39
CA ALA A 241 -11.93 23.07 -9.23
C ALA A 241 -12.30 21.81 -8.42
N SER A 242 -12.24 21.86 -7.07
CA SER A 242 -12.58 20.72 -6.20
C SER A 242 -11.64 19.55 -6.45
N ARG A 243 -10.34 19.86 -6.52
CA ARG A 243 -9.29 18.89 -6.82
C ARG A 243 -8.28 18.78 -5.69
N PHE A 244 -7.69 17.58 -5.58
CA PHE A 244 -6.76 17.23 -4.51
C PHE A 244 -5.49 18.06 -4.59
N THR A 245 -4.94 18.33 -3.42
CA THR A 245 -3.67 19.03 -3.35
C THR A 245 -2.65 18.17 -2.62
N PRO A 246 -1.53 17.82 -3.23
CA PRO A 246 -0.53 17.07 -2.51
C PRO A 246 0.26 17.97 -1.59
N PRO A 247 1.01 17.37 -0.69
CA PRO A 247 1.81 18.16 0.25
C PRO A 247 2.86 18.98 -0.48
N SER A 248 3.15 20.13 0.10
CA SER A 248 4.20 20.97 -0.40
C SER A 248 5.52 20.20 -0.38
N ARG A 249 6.44 20.59 -1.26
CA ARG A 249 7.75 19.96 -1.31
C ARG A 249 8.64 20.31 -0.11
N ASP A 250 8.25 21.30 0.69
CA ASP A 250 8.92 21.58 1.97
C ASP A 250 8.44 20.63 3.06
N ALA A 251 7.18 20.21 2.99
CA ALA A 251 6.54 19.40 4.02
C ALA A 251 6.86 17.90 3.88
N LEU A 252 8.19 17.54 3.92
CA LEU A 252 8.48 16.11 3.91
C LEU A 252 8.21 15.48 5.29
N PRO A 253 7.94 14.18 5.36
CA PRO A 253 7.73 13.56 6.67
C PRO A 253 9.02 13.58 7.46
N GLU A 254 8.87 13.40 8.77
CA GLU A 254 10.00 13.47 9.68
C GLU A 254 10.78 12.15 9.75
N GLY A 255 12.10 12.29 9.81
CA GLY A 255 12.93 11.16 10.13
C GLY A 255 13.12 10.26 8.95
N PRO A 256 13.48 9.02 9.20
CA PRO A 256 13.88 8.14 8.11
C PRO A 256 12.88 8.03 7.00
N LEU A 257 11.58 8.01 7.32
CA LEU A 257 10.61 7.96 6.23
C LEU A 257 10.80 9.09 5.25
N GLY A 258 11.13 10.30 5.75
CA GLY A 258 11.38 11.44 4.88
C GLY A 258 12.56 11.26 3.94
N GLU A 259 13.64 10.64 4.42
CA GLU A 259 14.77 10.34 3.55
C GLU A 259 14.37 9.38 2.44
N MET A 260 13.47 8.44 2.71
CA MET A 260 13.02 7.50 1.68
C MET A 260 12.04 8.17 0.73
N VAL A 261 11.22 9.08 1.25
CA VAL A 261 10.35 9.83 0.36
C VAL A 261 11.19 10.65 -0.62
N ARG A 262 12.26 11.26 -0.13
CA ARG A 262 13.14 12.03 -1.00
C ARG A 262 13.78 11.13 -2.05
N LEU A 263 14.23 9.94 -1.64
CA LEU A 263 14.81 9.02 -2.60
C LEU A 263 13.79 8.62 -3.65
N GLY A 264 12.59 8.25 -3.22
CA GLY A 264 11.57 7.88 -4.17
C GLY A 264 11.28 9.01 -5.15
N ALA A 265 11.28 10.24 -4.65
CA ALA A 265 11.12 11.36 -5.56
C ALA A 265 12.28 11.47 -6.53
N ARG A 266 13.48 11.10 -6.11
CA ARG A 266 14.57 11.21 -7.06
C ARG A 266 14.63 10.01 -8.01
N LEU A 267 14.21 8.83 -7.58
CA LEU A 267 14.12 7.72 -8.51
C LEU A 267 13.04 7.96 -9.54
N PHE A 268 11.95 8.62 -9.13
CA PHE A 268 10.88 8.95 -10.05
C PHE A 268 11.36 9.88 -11.16
N ARG A 269 12.18 10.87 -10.79
CA ARG A 269 12.66 11.92 -11.67
C ARG A 269 13.93 11.52 -12.44
N HIS A 270 14.77 10.67 -11.85
CA HIS A 270 16.06 10.33 -12.46
C HIS A 270 16.18 8.83 -12.62
N THR A 271 15.08 8.19 -13.05
CA THR A 271 14.99 6.74 -13.03
C THR A 271 16.14 6.09 -13.79
N ASN A 272 16.57 6.73 -14.87
CA ASN A 272 17.50 6.10 -15.79
C ASN A 272 18.96 6.30 -15.41
N THR A 273 19.24 7.23 -14.49
CA THR A 273 20.61 7.58 -14.14
C THR A 273 20.99 7.27 -12.70
N ASP A 274 20.03 7.15 -11.80
CA ASP A 274 20.35 6.86 -10.42
C ASP A 274 20.94 5.44 -10.29
N PRO A 275 22.03 5.27 -9.52
CA PRO A 275 22.69 3.95 -9.46
C PRO A 275 21.80 2.83 -8.97
N ARG A 276 20.78 3.12 -8.17
CA ARG A 276 19.87 2.06 -7.71
C ARG A 276 18.87 1.61 -8.78
N SER A 277 18.27 2.52 -9.54
CA SER A 277 17.23 2.12 -10.48
C SER A 277 17.77 1.92 -11.90
N ALA A 278 18.89 2.56 -12.22
CA ALA A 278 19.40 2.50 -13.57
C ALA A 278 19.67 1.07 -14.04
N PRO A 279 20.15 0.16 -13.21
CA PRO A 279 20.38 -1.20 -13.66
C PRO A 279 19.11 -1.94 -14.07
N HIS A 280 17.93 -1.38 -13.77
CA HIS A 280 16.65 -2.00 -14.14
C HIS A 280 15.95 -1.20 -15.23
N VAL A 281 16.59 -0.18 -15.80
CA VAL A 281 16.03 0.67 -16.85
C VAL A 281 16.79 0.38 -18.13
N GLY A 282 16.06 -0.03 -19.17
CA GLY A 282 16.64 -0.43 -20.43
C GLY A 282 16.42 0.54 -21.58
N ASN A 283 16.05 1.76 -21.23
CA ASN A 283 15.88 2.78 -22.23
C ASN A 283 16.22 4.12 -21.60
N ASP A 284 15.80 5.19 -22.29
CA ASP A 284 16.10 6.56 -21.92
C ASP A 284 14.81 7.29 -21.54
N GLN A 285 14.18 6.80 -20.46
CA GLN A 285 12.93 7.29 -19.97
C GLN A 285 13.06 7.53 -18.47
N THR A 286 12.11 8.28 -17.92
CA THR A 286 11.92 8.39 -16.49
C THR A 286 10.42 8.40 -16.22
N CYS A 287 10.06 8.03 -14.99
CA CYS A 287 8.66 8.03 -14.58
C CYS A 287 8.08 9.42 -14.80
N ALA A 288 8.87 10.44 -14.47
CA ALA A 288 8.40 11.81 -14.47
C ALA A 288 8.01 12.30 -15.87
N GLY A 289 8.54 11.66 -16.91
CA GLY A 289 8.31 12.11 -18.26
C GLY A 289 6.90 11.85 -18.76
N CYS A 290 6.24 10.84 -18.22
CA CYS A 290 4.86 10.58 -18.56
C CYS A 290 3.90 10.96 -17.43
N HIS A 291 4.41 11.33 -16.25
CA HIS A 291 3.61 11.62 -15.06
C HIS A 291 4.09 12.98 -14.57
N LEU A 292 3.55 14.03 -15.18
CA LEU A 292 4.18 15.33 -15.11
C LEU A 292 4.17 15.94 -13.70
N ASP A 293 5.07 16.90 -13.50
CA ASP A 293 5.31 17.51 -12.20
C ASP A 293 5.69 16.43 -11.19
N ASN A 294 6.45 15.47 -11.67
CA ASN A 294 7.00 14.40 -10.82
C ASN A 294 5.90 13.63 -10.10
N GLY A 295 4.81 13.39 -10.82
CA GLY A 295 3.72 12.61 -10.31
C GLY A 295 2.64 13.42 -9.65
N ARG A 296 2.71 14.76 -9.70
CA ARG A 296 1.70 15.56 -9.00
C ARG A 296 0.57 16.08 -9.88
N ARG A 297 0.72 16.04 -11.20
CA ARG A 297 -0.16 16.79 -12.11
C ARG A 297 -1.46 16.07 -12.40
N ALA A 298 -2.56 16.67 -11.97
CA ALA A 298 -3.85 16.18 -12.40
C ALA A 298 -3.93 16.13 -13.92
N ASP A 299 -4.59 15.08 -14.40
CA ASP A 299 -4.78 14.79 -15.82
C ASP A 299 -3.48 14.37 -16.51
N ALA A 300 -2.40 14.13 -15.76
CA ALA A 300 -1.19 13.50 -16.27
C ALA A 300 -0.83 12.30 -15.40
N SER A 301 -1.81 11.41 -15.15
CA SER A 301 -1.71 10.26 -14.23
C SER A 301 -0.95 10.61 -12.97
N PRO A 302 -1.51 11.47 -12.15
CA PRO A 302 -0.87 11.77 -10.88
C PRO A 302 -0.85 10.51 -10.01
N MET A 303 0.19 10.43 -9.19
CA MET A 303 0.37 9.26 -8.35
C MET A 303 -0.57 9.28 -7.17
N TRP A 304 -0.96 10.46 -6.72
CA TRP A 304 -1.89 10.52 -5.60
C TRP A 304 -3.23 9.89 -5.95
N ALA A 305 -3.66 9.98 -7.20
CA ALA A 305 -4.92 9.36 -7.53
C ALA A 305 -4.80 7.85 -7.65
N ALA A 306 -3.57 7.36 -7.77
CA ALA A 306 -3.34 5.94 -7.97
C ALA A 306 -3.18 5.21 -6.64
N TRP A 307 -2.53 5.84 -5.66
CA TRP A 307 -2.28 5.16 -4.40
C TRP A 307 -3.55 4.58 -3.78
N VAL A 308 -4.64 5.35 -3.79
CA VAL A 308 -5.87 4.95 -3.12
C VAL A 308 -6.72 4.04 -3.97
N ALA A 309 -6.26 3.71 -5.16
CA ALA A 309 -7.02 2.94 -6.14
C ALA A 309 -6.56 1.49 -6.26
N TYR A 310 -5.41 1.14 -5.68
CA TYR A 310 -4.87 -0.20 -5.76
C TYR A 310 -4.81 -0.79 -4.35
N PRO A 311 -5.02 -2.12 -4.22
CA PRO A 311 -5.27 -3.19 -5.19
C PRO A 311 -6.48 -3.01 -6.10
N ALA A 312 -6.40 -3.51 -7.33
CA ALA A 312 -7.46 -3.37 -8.33
C ALA A 312 -7.38 -4.46 -9.36
N TYR A 313 -8.53 -4.85 -9.92
CA TYR A 313 -8.51 -5.76 -11.08
C TYR A 313 -8.09 -5.02 -12.35
N ARG A 314 -7.15 -5.63 -13.09
CA ARG A 314 -6.62 -5.12 -14.37
C ARG A 314 -6.83 -6.14 -15.48
N GLY A 315 -7.61 -5.78 -16.50
CA GLY A 315 -7.85 -6.70 -17.61
C GLY A 315 -6.62 -7.08 -18.45
N LYS A 316 -5.53 -6.28 -18.40
CA LYS A 316 -4.36 -6.51 -19.26
C LYS A 316 -3.65 -7.83 -18.94
N ASN A 317 -3.60 -8.20 -17.66
CA ASN A 317 -3.02 -9.48 -17.23
C ASN A 317 -4.06 -10.38 -16.56
N GLN A 318 -5.35 -10.01 -16.58
CA GLN A 318 -6.45 -10.77 -16.00
C GLN A 318 -6.09 -11.20 -14.58
N ARG A 319 -5.93 -10.19 -13.71
CA ARG A 319 -5.30 -10.38 -12.41
C ARG A 319 -5.49 -9.12 -11.56
N VAL A 320 -5.57 -9.30 -10.24
CA VAL A 320 -5.62 -8.17 -9.30
C VAL A 320 -4.18 -7.74 -9.02
N ASP A 321 -3.93 -6.43 -9.07
CA ASP A 321 -2.57 -5.92 -8.98
C ASP A 321 -2.42 -5.00 -7.78
N THR A 322 -1.37 -5.23 -7.00
CA THR A 322 -0.96 -4.30 -5.98
C THR A 322 -0.29 -3.09 -6.61
N MET A 323 -0.07 -2.06 -5.82
CA MET A 323 0.76 -0.95 -6.26
C MET A 323 2.17 -1.41 -6.62
N ALA A 324 2.78 -2.31 -5.82
CA ALA A 324 4.11 -2.78 -6.20
C ALA A 324 4.08 -3.50 -7.53
N GLU A 325 3.08 -4.35 -7.73
CA GLU A 325 3.03 -5.12 -8.96
C GLU A 325 2.87 -4.18 -10.14
N ARG A 326 2.11 -3.12 -9.94
CA ARG A 326 1.90 -2.14 -10.98
C ARG A 326 3.19 -1.45 -11.33
N ILE A 327 3.92 -1.00 -10.31
CA ILE A 327 5.18 -0.30 -10.54
C ILE A 327 6.17 -1.20 -11.27
N GLN A 328 6.18 -2.49 -10.95
CA GLN A 328 7.04 -3.41 -11.70
C GLN A 328 6.57 -3.56 -13.15
N GLY A 329 5.26 -3.45 -13.40
CA GLY A 329 4.78 -3.43 -14.76
C GLY A 329 5.36 -2.28 -15.56
N CYS A 330 5.36 -1.08 -14.97
CA CYS A 330 5.95 0.08 -15.60
C CYS A 330 7.44 -0.13 -15.90
N PHE A 331 8.15 -0.81 -15.01
CA PHE A 331 9.55 -1.08 -15.32
C PHE A 331 9.66 -2.06 -16.47
N ARG A 332 8.75 -3.03 -16.51
CA ARG A 332 8.82 -4.06 -17.56
C ARG A 332 8.53 -3.47 -18.92
N TYR A 333 7.62 -2.51 -19.02
CA TYR A 333 7.16 -2.03 -20.32
C TYR A 333 7.62 -0.61 -20.62
N SER A 334 7.26 0.37 -19.81
CA SER A 334 7.68 1.74 -20.11
C SER A 334 9.19 1.95 -19.95
N MET A 335 9.85 1.27 -19.02
CA MET A 335 11.30 1.36 -18.83
C MET A 335 12.08 0.23 -19.50
N ASN A 336 11.40 -0.70 -20.17
CA ASN A 336 12.05 -1.71 -21.02
C ASN A 336 13.15 -2.49 -20.27
N ALA A 337 12.78 -3.05 -19.12
CA ALA A 337 13.78 -3.61 -18.22
C ALA A 337 14.51 -4.80 -18.83
N GLN A 338 13.88 -5.47 -19.80
CA GLN A 338 14.53 -6.61 -20.44
C GLN A 338 15.88 -6.20 -21.06
N ASP A 339 15.98 -4.97 -21.57
CA ASP A 339 17.21 -4.51 -22.17
C ASP A 339 18.04 -3.73 -21.18
N SER A 340 17.76 -3.87 -19.91
CA SER A 340 18.61 -3.25 -18.94
C SER A 340 19.81 -4.16 -18.66
N VAL A 341 20.79 -3.60 -17.97
CA VAL A 341 21.95 -4.37 -17.58
C VAL A 341 21.54 -5.60 -16.80
N SER A 342 20.68 -5.41 -15.79
CA SER A 342 20.18 -6.50 -14.98
C SER A 342 19.22 -7.40 -15.73
N GLY A 343 18.61 -6.90 -16.78
CA GLY A 343 17.60 -7.64 -17.49
C GLY A 343 16.27 -7.79 -16.80
N GLN A 344 16.11 -7.26 -15.58
CA GLN A 344 14.99 -7.60 -14.70
C GLN A 344 14.32 -6.35 -14.17
N VAL A 345 13.07 -6.52 -13.73
CA VAL A 345 12.44 -5.43 -12.99
C VAL A 345 13.03 -5.44 -11.59
N PRO A 346 12.87 -4.37 -10.83
CA PRO A 346 13.51 -4.32 -9.51
C PRO A 346 12.83 -5.28 -8.56
N GLU A 347 13.61 -5.79 -7.60
CA GLU A 347 13.06 -6.68 -6.59
C GLU A 347 11.97 -5.98 -5.80
N THR A 348 10.93 -6.75 -5.51
CA THR A 348 9.71 -6.15 -4.98
C THR A 348 9.87 -5.67 -3.52
N ASN A 349 10.67 -6.34 -2.67
CA ASN A 349 10.96 -5.77 -1.34
C ASN A 349 12.29 -5.04 -1.27
N GLY A 350 12.82 -4.60 -2.40
CA GLY A 350 14.04 -3.79 -2.39
C GLY A 350 13.83 -2.31 -2.14
N LEU A 351 14.95 -1.61 -2.11
CA LEU A 351 14.90 -0.20 -1.74
C LEU A 351 14.21 0.65 -2.80
N VAL A 352 14.31 0.28 -4.08
CA VAL A 352 13.70 1.08 -5.14
C VAL A 352 12.19 1.09 -5.02
N LEU A 353 11.58 -0.11 -4.98
CA LEU A 353 10.13 -0.19 -4.81
C LEU A 353 9.72 0.42 -3.47
N ASP A 354 10.56 0.26 -2.43
CA ASP A 354 10.19 0.82 -1.15
C ASP A 354 10.21 2.34 -1.20
N ALA A 355 11.21 2.92 -1.84
CA ALA A 355 11.23 4.38 -1.95
C ALA A 355 10.09 4.86 -2.87
N LEU A 356 9.91 4.22 -4.02
CA LEU A 356 8.87 4.69 -4.91
C LEU A 356 7.53 4.61 -4.23
N GLN A 357 7.28 3.51 -3.51
CA GLN A 357 6.03 3.42 -2.80
C GLN A 357 5.94 4.43 -1.66
N SER A 358 7.05 4.77 -1.03
CA SER A 358 6.98 5.78 0.02
C SER A 358 6.68 7.16 -0.56
N TYR A 359 7.33 7.48 -1.68
CA TYR A 359 7.09 8.77 -2.31
C TYR A 359 5.65 8.86 -2.76
N ILE A 360 5.14 7.80 -3.39
CA ILE A 360 3.77 7.85 -3.88
C ILE A 360 2.79 7.96 -2.74
N PHE A 361 3.03 7.23 -1.66
CA PHE A 361 2.19 7.30 -0.46
C PHE A 361 2.16 8.71 0.06
N TRP A 362 3.32 9.34 0.16
CA TRP A 362 3.38 10.68 0.69
C TRP A 362 2.58 11.67 -0.18
N LEU A 363 2.72 11.61 -1.51
CA LEU A 363 1.97 12.53 -2.37
C LEU A 363 0.47 12.41 -2.14
N ALA A 364 0.03 11.24 -1.68
CA ALA A 364 -1.38 10.92 -1.51
C ALA A 364 -1.92 11.27 -0.11
N THR A 365 -1.12 11.95 0.71
CA THR A 365 -1.55 12.33 2.05
C THR A 365 -2.92 13.01 2.03
N GLY A 366 -3.84 12.44 2.78
CA GLY A 366 -5.16 12.96 2.92
C GLY A 366 -6.22 12.35 2.05
N ALA A 367 -5.82 11.65 0.98
CA ALA A 367 -6.76 11.13 0.01
C ALA A 367 -7.50 9.90 0.53
N PRO A 368 -8.76 9.73 0.11
CA PRO A 368 -9.64 8.69 0.67
C PRO A 368 -9.39 7.31 0.08
N THR A 369 -9.09 6.37 0.96
CA THR A 369 -8.78 5.02 0.52
C THR A 369 -9.94 4.48 -0.27
N GLY A 370 -9.65 3.95 -1.45
CA GLY A 370 -10.63 3.19 -2.20
C GLY A 370 -11.41 4.00 -3.20
N ASP A 371 -11.16 5.30 -3.27
CA ASP A 371 -11.75 6.20 -4.26
C ASP A 371 -11.04 5.97 -5.59
N THR A 372 -11.67 5.18 -6.44
CA THR A 372 -11.03 4.82 -7.71
C THR A 372 -11.31 5.83 -8.81
N ALA A 373 -11.97 6.95 -8.49
CA ALA A 373 -12.34 7.97 -9.45
C ALA A 373 -12.05 9.35 -8.91
N MET A 374 -10.91 9.52 -8.26
CA MET A 374 -10.53 10.87 -7.86
C MET A 374 -10.43 11.74 -9.09
N SER A 375 -10.95 12.97 -8.99
CA SER A 375 -10.85 13.91 -10.09
C SER A 375 -9.38 14.22 -10.37
N GLY A 376 -8.98 14.06 -11.62
CA GLY A 376 -7.62 14.25 -12.05
C GLY A 376 -6.92 12.95 -12.40
N ARG A 377 -7.54 11.82 -12.15
CA ARG A 377 -6.83 10.56 -12.33
C ARG A 377 -6.60 10.29 -13.80
N GLY A 378 -5.44 9.72 -14.11
CA GLY A 378 -5.12 9.28 -15.46
C GLY A 378 -5.10 10.42 -16.47
N TYR A 379 -5.47 10.10 -17.66
CA TYR A 379 -5.59 11.05 -18.73
C TYR A 379 -7.05 11.25 -19.12
N PRO A 380 -7.47 12.45 -19.51
CA PRO A 380 -8.88 12.62 -19.92
C PRO A 380 -9.14 11.86 -21.21
N ARG A 381 -10.09 10.92 -21.15
CA ARG A 381 -10.42 10.12 -22.32
C ARG A 381 -11.12 10.99 -23.37
N LEU A 382 -10.78 10.74 -24.62
CA LEU A 382 -11.32 11.42 -25.79
C LEU A 382 -12.37 10.57 -26.47
N GLN A 383 -13.31 11.23 -27.17
CA GLN A 383 -14.24 10.50 -28.01
C GLN A 383 -13.52 9.97 -29.24
N PRO A 384 -13.68 8.70 -29.60
CA PRO A 384 -12.95 8.18 -30.73
C PRO A 384 -13.46 8.82 -32.01
N PRO A 385 -12.59 9.03 -32.98
CA PRO A 385 -12.99 9.75 -34.19
C PRO A 385 -13.82 8.87 -35.12
N ALA A 386 -14.94 9.45 -35.59
CA ALA A 386 -15.77 8.75 -36.57
C ALA A 386 -14.96 8.44 -37.82
N GLU A 387 -14.16 9.40 -38.29
CA GLU A 387 -13.45 9.29 -39.56
C GLU A 387 -11.99 8.83 -39.42
N GLY A 388 -11.67 8.08 -38.35
CA GLY A 388 -10.39 7.44 -38.21
C GLY A 388 -9.27 8.37 -37.78
N PHE A 389 -8.03 7.91 -37.97
CA PHE A 389 -6.90 8.77 -37.66
C PHE A 389 -5.87 8.65 -38.77
N ASP A 390 -5.30 9.80 -39.12
CA ASP A 390 -4.49 10.00 -40.31
C ASP A 390 -3.05 10.32 -39.91
N ARG A 391 -2.17 9.34 -40.07
CA ARG A 391 -0.76 9.51 -39.74
C ARG A 391 -0.07 10.55 -40.62
N THR A 392 -0.64 10.88 -41.77
CA THR A 392 0.02 11.86 -42.60
C THR A 392 -0.22 13.26 -42.06
N ARG A 393 -1.47 13.57 -41.72
CA ARG A 393 -1.71 14.81 -41.00
C ARG A 393 -0.94 14.81 -39.69
N GLY A 394 -0.84 13.64 -39.03
CA GLY A 394 -0.06 13.53 -37.81
C GLY A 394 1.40 13.91 -38.01
N ALA A 395 1.99 13.46 -39.10
CA ALA A 395 3.40 13.80 -39.28
C ALA A 395 3.57 15.30 -39.52
N ALA A 396 2.61 15.93 -40.19
CA ALA A 396 2.65 17.39 -40.35
C ALA A 396 2.60 18.06 -39.00
N LEU A 397 1.58 17.70 -38.20
CA LEU A 397 1.45 18.28 -36.86
C LEU A 397 2.73 18.08 -36.03
N TYR A 398 3.29 16.87 -36.03
CA TYR A 398 4.48 16.58 -35.24
C TYR A 398 5.63 17.47 -35.66
N ALA A 399 5.80 17.67 -36.97
CA ALA A 399 6.86 18.53 -37.47
C ALA A 399 6.65 19.95 -37.03
N GLU A 400 5.38 20.38 -37.00
CA GLU A 400 5.02 21.74 -36.59
C GLU A 400 5.23 21.94 -35.09
N HIS A 401 4.71 21.03 -34.26
CA HIS A 401 4.53 21.32 -32.84
C HIS A 401 5.32 20.45 -31.87
N CYS A 402 6.14 19.50 -32.33
CA CYS A 402 6.72 18.53 -31.39
C CYS A 402 8.19 18.30 -31.66
N ALA A 403 8.55 18.27 -32.95
CA ALA A 403 9.92 17.94 -33.32
C ALA A 403 10.94 18.90 -32.69
N LEU A 404 10.54 20.13 -32.41
CA LEU A 404 11.47 21.09 -31.82
C LEU A 404 12.17 20.51 -30.59
N CYS A 405 11.44 19.78 -29.76
CA CYS A 405 11.91 19.16 -28.54
C CYS A 405 12.22 17.68 -28.74
N HIS A 406 11.26 16.93 -29.27
CA HIS A 406 11.41 15.50 -29.36
C HIS A 406 12.24 15.04 -30.55
N GLY A 407 12.58 15.93 -31.48
CA GLY A 407 13.48 15.61 -32.58
C GLY A 407 12.73 15.22 -33.85
N ALA A 408 13.37 15.46 -34.99
CA ALA A 408 12.72 15.15 -36.26
C ALA A 408 12.43 13.66 -36.40
N GLU A 409 13.28 12.82 -35.82
CA GLU A 409 13.11 11.38 -35.86
C GLU A 409 12.76 10.80 -34.49
N GLY A 410 12.07 11.57 -33.66
CA GLY A 410 11.67 11.09 -32.36
C GLY A 410 12.81 10.73 -31.42
N GLU A 411 14.04 11.09 -31.76
CA GLU A 411 15.20 10.61 -31.01
C GLU A 411 15.29 11.19 -29.58
N GLY A 412 14.50 12.20 -29.25
CA GLY A 412 14.65 12.88 -27.98
C GLY A 412 16.00 13.59 -27.81
N LEU A 413 16.22 14.04 -26.56
CA LEU A 413 17.46 14.71 -26.22
C LEU A 413 17.89 14.34 -24.81
N LEU A 414 19.17 14.02 -24.68
CA LEU A 414 19.79 13.73 -23.41
C LEU A 414 20.91 14.74 -23.16
N VAL A 415 21.09 15.16 -21.91
CA VAL A 415 22.14 16.11 -21.54
C VAL A 415 22.85 15.57 -20.30
N ASP A 416 24.15 15.30 -20.43
CA ASP A 416 24.94 14.69 -19.34
C ASP A 416 24.24 13.44 -18.80
N GLY A 417 23.66 12.64 -19.71
CA GLY A 417 22.96 11.43 -19.34
C GLY A 417 21.52 11.61 -18.86
N GLU A 418 21.11 12.82 -18.48
CA GLU A 418 19.74 13.09 -18.06
C GLU A 418 18.80 13.24 -19.25
N VAL A 419 17.57 12.76 -19.08
CA VAL A 419 16.56 12.88 -20.13
C VAL A 419 15.97 14.27 -20.06
N VAL A 420 16.20 15.08 -21.09
CA VAL A 420 15.51 16.35 -21.17
C VAL A 420 14.22 16.19 -21.95
N PHE A 421 14.30 15.68 -23.16
CA PHE A 421 13.13 15.45 -24.01
C PHE A 421 13.09 13.97 -24.35
N PRO A 422 12.09 13.24 -23.87
CA PRO A 422 12.10 11.81 -24.03
C PRO A 422 12.01 11.42 -25.49
N PRO A 423 12.78 10.41 -25.89
CA PRO A 423 12.55 9.70 -27.16
C PRO A 423 11.15 9.11 -27.22
N LEU A 424 10.49 9.30 -28.36
CA LEU A 424 9.12 8.84 -28.54
C LEU A 424 9.00 7.61 -29.40
N TRP A 425 10.06 7.22 -30.09
CA TRP A 425 10.12 5.92 -30.75
C TRP A 425 11.58 5.57 -30.96
N GLY A 426 11.81 4.41 -31.55
CA GLY A 426 13.16 3.92 -31.68
C GLY A 426 13.60 3.16 -30.46
N PRO A 427 14.85 2.71 -30.48
CA PRO A 427 15.33 1.75 -29.46
C PRO A 427 15.47 2.31 -28.06
N ARG A 428 15.40 3.62 -27.86
CA ARG A 428 15.51 4.19 -26.52
C ARG A 428 14.17 4.73 -26.00
N SER A 429 13.07 4.35 -26.62
CA SER A 429 11.75 4.76 -26.18
C SER A 429 11.08 3.62 -25.40
N TYR A 430 9.86 3.86 -24.95
CA TYR A 430 9.09 2.80 -24.31
C TYR A 430 8.83 1.68 -25.30
N ASN A 431 8.61 0.46 -24.78
CA ASN A 431 8.53 -0.69 -25.67
C ASN A 431 7.07 -0.96 -26.06
N TRP A 432 6.88 -2.01 -26.88
CA TRP A 432 5.59 -2.24 -27.53
C TRP A 432 4.53 -2.76 -26.56
N GLY A 433 4.90 -3.05 -25.32
CA GLY A 433 3.93 -3.46 -24.35
C GLY A 433 3.46 -2.32 -23.48
N ALA A 434 4.09 -1.15 -23.59
CA ALA A 434 3.74 -0.03 -22.73
C ALA A 434 2.42 0.61 -23.16
N GLY A 435 1.63 1.02 -22.17
CA GLY A 435 0.34 1.62 -22.43
C GLY A 435 0.42 2.80 -23.39
N MET A 436 1.50 3.57 -23.32
CA MET A 436 1.68 4.73 -24.21
C MET A 436 1.79 4.35 -25.70
N HIS A 437 2.05 3.09 -26.04
CA HIS A 437 2.07 2.70 -27.45
C HIS A 437 0.66 2.64 -28.05
N ARG A 438 -0.38 2.71 -27.25
CA ARG A 438 -1.74 2.73 -27.78
C ARG A 438 -2.11 4.12 -28.25
N VAL A 439 -2.94 4.17 -29.31
CA VAL A 439 -3.27 5.44 -29.93
C VAL A 439 -4.20 6.24 -29.04
N ASP A 440 -5.21 5.57 -28.46
CA ASP A 440 -6.16 6.26 -27.57
C ASP A 440 -5.49 6.77 -26.31
N THR A 441 -4.60 5.97 -25.72
CA THR A 441 -3.94 6.42 -24.51
C THR A 441 -3.00 7.59 -24.78
N ALA A 442 -2.16 7.48 -25.80
CA ALA A 442 -1.25 8.58 -26.10
C ALA A 442 -2.00 9.79 -26.60
N ALA A 443 -3.10 9.60 -27.30
CA ALA A 443 -3.84 10.77 -27.74
C ALA A 443 -4.39 11.53 -26.55
N ALA A 444 -4.85 10.79 -25.55
CA ALA A 444 -5.38 11.49 -24.39
C ALA A 444 -4.26 12.20 -23.64
N PHE A 445 -3.10 11.58 -23.53
CA PHE A 445 -2.01 12.28 -22.89
C PHE A 445 -1.68 13.56 -23.61
N ILE A 446 -1.53 13.46 -24.94
CA ILE A 446 -1.08 14.59 -25.76
C ILE A 446 -2.07 15.75 -25.70
N ALA A 447 -3.35 15.47 -25.99
CA ALA A 447 -4.36 16.53 -26.03
C ALA A 447 -4.31 17.37 -24.78
N ALA A 448 -4.11 16.71 -23.63
CA ALA A 448 -4.11 17.39 -22.33
C ALA A 448 -2.76 17.95 -21.90
N ASN A 449 -1.63 17.45 -22.42
CA ASN A 449 -0.35 17.74 -21.81
C ASN A 449 0.74 18.15 -22.76
N MET A 450 0.52 18.05 -24.07
CA MET A 450 1.59 18.41 -24.99
C MET A 450 1.07 19.30 -26.11
N PRO A 451 1.83 20.32 -26.49
CA PRO A 451 3.17 20.63 -25.99
C PRO A 451 3.29 21.05 -24.54
N LEU A 452 4.46 20.75 -23.96
CA LEU A 452 4.76 20.99 -22.55
C LEU A 452 4.16 22.28 -22.01
N LEU A 453 4.47 23.39 -22.67
CA LEU A 453 3.96 24.71 -22.32
C LEU A 453 2.78 25.02 -23.23
N ASP A 454 1.70 25.48 -22.62
CA ASP A 454 0.43 25.54 -23.33
C ASP A 454 0.30 26.82 -24.16
N THR A 455 1.32 27.20 -24.93
CA THR A 455 1.10 28.19 -25.98
C THR A 455 0.25 27.62 -27.09
N VAL A 456 0.25 26.30 -27.21
CA VAL A 456 -0.49 25.56 -28.22
C VAL A 456 -1.26 24.47 -27.51
N ARG A 457 -2.52 24.26 -27.88
CA ARG A 457 -3.26 23.12 -27.37
C ARG A 457 -4.04 22.49 -28.50
N LEU A 458 -3.72 21.25 -28.83
CA LEU A 458 -4.30 20.55 -29.95
C LEU A 458 -5.75 20.17 -29.70
N THR A 459 -6.50 20.08 -30.79
CA THR A 459 -7.84 19.53 -30.78
C THR A 459 -7.78 18.02 -30.58
N PRO A 460 -8.87 17.42 -30.14
CA PRO A 460 -8.90 15.96 -30.03
C PRO A 460 -8.41 15.28 -31.28
N GLN A 461 -8.97 15.68 -32.44
CA GLN A 461 -8.60 15.03 -33.68
C GLN A 461 -7.12 15.22 -33.97
N GLU A 462 -6.57 16.41 -33.73
CA GLU A 462 -5.14 16.58 -33.93
C GLU A 462 -4.38 15.64 -33.01
N ALA A 463 -4.81 15.53 -31.76
CA ALA A 463 -4.15 14.62 -30.84
C ALA A 463 -4.21 13.20 -31.34
N TRP A 464 -5.38 12.76 -31.81
CA TRP A 464 -5.49 11.43 -32.40
C TRP A 464 -4.53 11.23 -33.57
N ASP A 465 -4.44 12.20 -34.47
CA ASP A 465 -3.58 12.01 -35.63
C ASP A 465 -2.10 11.96 -35.21
N VAL A 466 -1.67 12.85 -34.29
CA VAL A 466 -0.25 12.82 -33.90
C VAL A 466 0.06 11.54 -33.15
N ALA A 467 -0.89 11.08 -32.34
CA ALA A 467 -0.68 9.86 -31.58
C ALA A 467 -0.50 8.67 -32.50
N ALA A 468 -1.33 8.58 -33.54
CA ALA A 468 -1.18 7.51 -34.51
C ALA A 468 0.14 7.63 -35.30
N TYR A 469 0.60 8.85 -35.61
CA TYR A 469 1.90 8.96 -36.27
C TYR A 469 3.02 8.44 -35.38
N ILE A 470 3.08 8.91 -34.14
CA ILE A 470 4.14 8.50 -33.20
C ILE A 470 4.16 6.98 -33.02
N ASN A 471 3.01 6.41 -32.72
CA ASN A 471 2.97 5.02 -32.34
C ASN A 471 2.87 4.07 -33.52
N ALA A 472 3.20 4.55 -34.71
CA ALA A 472 3.31 3.68 -35.87
C ALA A 472 4.75 3.47 -36.27
N HIS A 473 5.67 3.79 -35.38
CA HIS A 473 7.09 3.60 -35.57
C HIS A 473 7.57 2.37 -34.80
N GLU A 474 8.69 1.81 -35.22
CA GLU A 474 9.20 0.71 -34.41
C GLU A 474 9.77 1.24 -33.11
N ARG A 475 9.82 0.36 -32.13
CA ARG A 475 10.34 0.59 -30.78
C ARG A 475 10.65 -0.79 -30.24
N PRO A 476 11.24 -0.92 -29.05
CA PRO A 476 11.64 -2.25 -28.58
C PRO A 476 10.49 -3.23 -28.50
N GLN A 477 10.83 -4.48 -28.77
CA GLN A 477 9.82 -5.54 -28.84
C GLN A 477 9.02 -5.68 -27.54
N ASP A 478 7.82 -6.21 -27.69
CA ASP A 478 7.00 -6.58 -26.53
C ASP A 478 7.73 -7.63 -25.70
N PRO A 479 7.85 -7.43 -24.38
CA PRO A 479 8.45 -8.48 -23.53
C PRO A 479 7.70 -9.80 -23.55
N ARG A 480 6.42 -9.81 -23.93
CA ARG A 480 5.59 -10.99 -24.09
C ARG A 480 5.74 -11.62 -25.47
N PHE A 481 6.62 -11.07 -26.30
CA PHE A 481 6.85 -11.62 -27.63
C PHE A 481 7.07 -13.11 -27.56
N ASP A 482 6.42 -13.82 -28.47
CA ASP A 482 6.47 -15.27 -28.54
C ASP A 482 7.38 -15.79 -29.66
N GLY A 483 7.98 -14.90 -30.46
CA GLY A 483 8.64 -15.26 -31.66
C GLY A 483 7.86 -14.92 -32.94
N SER A 484 6.52 -14.94 -32.88
CA SER A 484 5.67 -14.59 -34.02
C SER A 484 4.91 -13.30 -33.76
N VAL A 485 5.02 -12.35 -34.70
CA VAL A 485 4.28 -11.10 -34.59
C VAL A 485 2.76 -11.34 -34.62
N GLU A 486 2.26 -12.12 -35.58
CA GLU A 486 0.82 -12.40 -35.62
C GLU A 486 0.34 -13.00 -34.30
N ARG A 487 1.06 -13.99 -33.78
CA ARG A 487 0.55 -14.62 -32.59
C ARG A 487 0.54 -13.63 -31.42
N THR A 488 1.66 -12.95 -31.17
CA THR A 488 1.73 -11.95 -30.12
C THR A 488 0.67 -10.87 -30.34
N ALA A 489 0.40 -10.54 -31.60
CA ALA A 489 -0.59 -9.52 -31.89
C ALA A 489 -1.97 -9.97 -31.49
N ALA A 490 -2.32 -11.21 -31.82
CA ALA A 490 -3.68 -11.69 -31.58
C ALA A 490 -3.99 -11.83 -30.10
N ARG A 491 -2.98 -12.15 -29.30
CA ARG A 491 -3.16 -12.35 -27.87
C ARG A 491 -3.10 -11.08 -27.05
N PHE A 492 -2.31 -10.10 -27.45
CA PHE A 492 -2.08 -8.96 -26.59
C PHE A 492 -2.37 -7.60 -27.21
N HIS A 493 -2.73 -7.54 -28.49
CA HIS A 493 -2.85 -6.27 -29.17
C HIS A 493 -4.09 -6.20 -30.04
N ALA A 494 -5.10 -6.97 -29.68
CA ALA A 494 -6.29 -7.08 -30.53
C ALA A 494 -7.26 -5.95 -30.18
N SER A 495 -6.92 -4.75 -30.64
CA SER A 495 -7.73 -3.56 -30.47
C SER A 495 -7.58 -2.67 -31.70
N PRO A 496 -8.62 -1.88 -32.04
CA PRO A 496 -8.48 -0.93 -33.17
C PRO A 496 -7.49 0.19 -32.89
N PHE A 497 -7.08 0.41 -31.63
CA PHE A 497 -6.18 1.49 -31.26
C PHE A 497 -4.77 1.02 -31.01
N ASP A 498 -4.43 -0.21 -31.40
CA ASP A 498 -3.12 -0.82 -31.17
C ASP A 498 -2.62 -1.20 -32.56
N LEU A 499 -1.53 -0.57 -33.00
CA LEU A 499 -1.03 -0.81 -34.34
C LEU A 499 -0.01 -1.92 -34.40
N TYR A 500 0.28 -2.57 -33.28
CA TYR A 500 1.19 -3.70 -33.29
C TYR A 500 0.63 -4.77 -34.22
N GLY A 501 1.47 -5.23 -35.15
CA GLY A 501 1.08 -6.22 -36.12
C GLY A 501 0.53 -5.69 -37.43
N GLU A 502 -0.01 -4.47 -37.42
CA GLU A 502 -0.51 -3.86 -38.65
C GLU A 502 0.66 -3.61 -39.63
N PRO A 503 0.35 -3.62 -41.09
CA PRO A 503 1.43 -3.49 -42.09
C PRO A 503 1.74 -2.04 -42.42
N LEU A 504 2.24 -1.30 -41.43
CA LEU A 504 2.46 0.15 -41.53
C LEU A 504 3.91 0.54 -41.39
N GLY A 505 4.84 -0.42 -41.48
CA GLY A 505 6.25 -0.14 -41.33
C GLY A 505 6.90 0.25 -42.64
N VAL A 506 8.23 0.13 -42.67
CA VAL A 506 8.99 0.42 -43.88
C VAL A 506 8.59 -0.53 -44.99
N ASP A 507 8.21 0.03 -46.15
CA ASP A 507 7.76 -0.76 -47.30
C ASP A 507 6.65 -1.74 -46.91
N GLY A 508 5.82 -1.26 -45.97
CA GLY A 508 4.65 -1.98 -45.48
C GLY A 508 4.93 -3.23 -44.69
N ALA A 509 6.13 -3.39 -44.13
CA ALA A 509 6.36 -4.50 -43.21
C ALA A 509 5.49 -4.35 -41.97
N VAL A 510 5.16 -5.48 -41.35
CA VAL A 510 4.34 -5.41 -40.15
C VAL A 510 5.10 -4.73 -39.04
N LEU A 511 4.38 -3.90 -38.29
CA LEU A 511 4.91 -3.30 -37.09
C LEU A 511 5.00 -4.36 -36.01
N GLY A 512 6.03 -4.27 -35.20
CA GLY A 512 6.14 -5.10 -34.03
C GLY A 512 7.31 -6.05 -34.09
N GLN A 513 8.35 -5.65 -34.84
CA GLN A 513 9.58 -6.41 -34.98
C GLN A 513 10.70 -5.98 -34.04
N GLY A 514 10.63 -4.77 -33.50
CA GLY A 514 11.68 -4.29 -32.63
C GLY A 514 12.80 -3.59 -33.38
N VAL A 515 13.97 -3.55 -32.74
CA VAL A 515 15.12 -2.80 -33.22
C VAL A 515 16.42 -3.61 -33.35
N PRO B 1 -18.62 -49.33 34.20
CA PRO B 1 -18.06 -48.29 33.30
C PRO B 1 -19.09 -47.79 32.22
N PHE B 2 -18.73 -47.97 30.94
CA PHE B 2 -19.64 -47.82 29.81
C PHE B 2 -20.78 -48.85 29.83
N GLU B 3 -20.63 -49.95 30.60
CA GLU B 3 -21.61 -51.04 30.58
C GLU B 3 -22.81 -50.73 31.51
N ARG B 4 -22.56 -50.16 32.69
CA ARG B 4 -23.65 -49.67 33.53
C ARG B 4 -24.37 -48.51 32.85
N GLY B 5 -23.62 -47.59 32.26
CA GLY B 5 -24.23 -46.52 31.51
C GLY B 5 -25.20 -47.02 30.45
N ARG B 6 -24.80 -48.04 29.67
CA ARG B 6 -25.68 -48.51 28.60
C ARG B 6 -27.02 -49.00 29.14
N THR B 7 -26.98 -49.88 30.17
CA THR B 7 -28.24 -50.43 30.67
C THR B 7 -29.09 -49.37 31.38
N LEU B 8 -28.49 -48.34 31.98
CA LEU B 8 -29.29 -47.21 32.46
C LEU B 8 -29.95 -46.46 31.31
N ALA B 9 -29.23 -46.29 30.19
CA ALA B 9 -29.80 -45.56 29.06
C ALA B 9 -30.89 -46.35 28.37
N GLU B 10 -30.68 -47.66 28.20
CA GLU B 10 -31.56 -48.51 27.40
C GLU B 10 -32.65 -49.20 28.22
N GLN B 11 -32.42 -49.44 29.53
CA GLN B 11 -33.40 -50.15 30.35
C GLN B 11 -33.71 -49.49 31.70
N GLY B 12 -32.94 -48.52 32.13
CA GLY B 12 -33.15 -47.99 33.45
C GLY B 12 -32.83 -49.05 34.49
N ASP B 13 -33.15 -48.72 35.74
CA ASP B 13 -32.95 -49.61 36.89
C ASP B 13 -34.25 -49.62 37.68
N ALA B 14 -35.04 -50.69 37.47
CA ALA B 14 -36.32 -50.83 38.16
C ALA B 14 -36.19 -50.59 39.66
N ALA B 15 -35.21 -51.26 40.28
CA ALA B 15 -35.03 -51.19 41.74
C ALA B 15 -34.79 -49.76 42.23
N ARG B 16 -33.76 -49.08 41.69
CA ARG B 16 -33.43 -47.75 42.22
C ARG B 16 -34.43 -46.69 41.77
N GLY B 17 -35.44 -47.08 40.98
CA GLY B 17 -36.47 -46.18 40.48
C GLY B 17 -36.00 -45.21 39.42
N ILE B 18 -35.29 -45.73 38.42
CA ILE B 18 -34.70 -44.94 37.34
C ILE B 18 -35.25 -45.44 36.00
N VAL B 19 -35.91 -44.53 35.25
CA VAL B 19 -36.42 -44.86 33.91
C VAL B 19 -35.28 -44.79 32.91
N ALA B 20 -35.45 -45.51 31.80
CA ALA B 20 -34.43 -45.48 30.75
C ALA B 20 -34.32 -44.08 30.17
N CYS B 21 -33.08 -43.59 30.07
CA CYS B 21 -32.82 -42.26 29.50
C CYS B 21 -33.26 -42.16 28.06
N ALA B 22 -33.17 -43.26 27.29
CA ALA B 22 -33.55 -43.20 25.89
C ALA B 22 -35.04 -42.97 25.68
N GLY B 23 -35.86 -43.07 26.71
CA GLY B 23 -37.27 -42.79 26.57
C GLY B 23 -37.56 -41.36 26.19
N CYS B 24 -36.68 -40.45 26.58
CA CYS B 24 -36.79 -39.04 26.22
C CYS B 24 -35.68 -38.57 25.31
N HIS B 25 -34.45 -39.04 25.53
CA HIS B 25 -33.32 -38.62 24.71
C HIS B 25 -33.13 -39.52 23.50
N ARG B 26 -33.92 -40.61 23.41
CA ARG B 26 -33.94 -41.56 22.31
C ARG B 26 -32.74 -42.49 22.33
N ALA B 27 -32.83 -43.57 21.54
CA ALA B 27 -31.80 -44.60 21.61
C ALA B 27 -30.48 -44.08 21.09
N ASP B 28 -30.52 -43.31 19.99
CA ASP B 28 -29.31 -42.76 19.38
C ASP B 28 -28.76 -41.56 20.13
N GLY B 29 -29.38 -41.17 21.25
CA GLY B 29 -28.96 -40.01 22.00
C GLY B 29 -29.18 -38.68 21.31
N GLY B 30 -29.95 -38.65 20.23
CA GLY B 30 -30.12 -37.45 19.41
C GLY B 30 -31.06 -36.41 19.93
N GLY B 31 -31.74 -36.64 21.06
CA GLY B 31 -32.70 -35.69 21.58
C GLY B 31 -34.08 -35.85 20.96
N ASP B 32 -35.01 -35.02 21.43
CA ASP B 32 -36.38 -35.04 20.97
C ASP B 32 -36.92 -33.62 20.99
N GLU B 33 -37.43 -33.17 19.83
CA GLU B 33 -37.96 -31.81 19.70
C GLU B 33 -39.19 -31.61 20.58
N ALA B 34 -40.13 -32.55 20.52
CA ALA B 34 -41.41 -32.40 21.21
C ALA B 34 -41.21 -32.22 22.72
N LEU B 35 -40.31 -33.01 23.32
CA LEU B 35 -40.06 -32.94 24.76
C LEU B 35 -39.10 -31.81 25.17
N GLY B 36 -38.33 -31.28 24.23
CA GLY B 36 -37.27 -30.37 24.62
C GLY B 36 -36.16 -31.10 25.32
N ALA B 37 -35.97 -32.36 24.99
CA ALA B 37 -34.92 -33.19 25.55
C ALA B 37 -33.65 -33.05 24.72
N ALA B 38 -32.52 -32.84 25.40
CA ALA B 38 -31.27 -32.51 24.75
C ALA B 38 -30.66 -33.69 24.00
N ARG B 39 -29.90 -33.35 22.96
CA ARG B 39 -28.92 -34.28 22.43
C ARG B 39 -27.86 -34.52 23.51
N LEU B 40 -27.54 -35.81 23.74
CA LEU B 40 -26.45 -36.18 24.63
C LEU B 40 -25.31 -36.88 23.91
N ALA B 41 -25.55 -37.43 22.72
CA ALA B 41 -24.56 -38.30 22.09
C ALA B 41 -23.34 -37.50 21.67
N GLY B 42 -22.17 -37.90 22.16
CA GLY B 42 -20.94 -37.24 21.80
C GLY B 42 -20.59 -36.04 22.66
N LEU B 43 -21.44 -35.67 23.58
CA LEU B 43 -21.08 -34.58 24.47
C LEU B 43 -19.94 -35.02 25.37
N GLU B 44 -19.18 -34.05 25.85
CA GLU B 44 -18.05 -34.39 26.73
C GLU B 44 -18.60 -34.97 28.03
N PRO B 45 -18.16 -36.19 28.45
CA PRO B 45 -18.59 -36.72 29.76
C PRO B 45 -18.43 -35.78 30.92
N ALA B 46 -17.38 -34.98 30.97
CA ALA B 46 -17.29 -34.00 32.05
C ALA B 46 -18.45 -33.02 32.00
N TYR B 47 -18.88 -32.66 30.78
CA TYR B 47 -19.97 -31.69 30.66
C TYR B 47 -21.29 -32.33 31.10
N LEU B 48 -21.57 -33.53 30.60
CA LEU B 48 -22.78 -34.22 30.99
C LEU B 48 -22.86 -34.33 32.52
N ALA B 49 -21.78 -34.78 33.15
CA ALA B 49 -21.79 -34.91 34.60
C ALA B 49 -21.95 -33.56 35.30
N THR B 50 -21.28 -32.52 34.82
CA THR B 50 -21.46 -31.23 35.45
C THR B 50 -22.93 -30.81 35.37
N GLN B 51 -23.60 -31.14 34.27
CA GLN B 51 -24.96 -30.66 34.11
C GLN B 51 -25.90 -31.37 35.06
N ILE B 52 -25.75 -32.71 35.17
CA ILE B 52 -26.56 -33.45 36.13
C ILE B 52 -26.38 -32.89 37.53
N GLU B 53 -25.14 -32.55 37.90
CA GLU B 53 -24.92 -31.97 39.21
C GLU B 53 -25.51 -30.56 39.29
N ARG B 54 -25.63 -29.87 38.14
CA ARG B 54 -26.28 -28.55 38.16
C ARG B 54 -27.73 -28.68 38.57
N PHE B 55 -28.41 -29.70 38.01
CA PHE B 55 -29.78 -29.96 38.40
C PHE B 55 -29.87 -30.27 39.89
N ARG B 56 -28.95 -31.12 40.38
CA ARG B 56 -28.98 -31.49 41.79
C ARG B 56 -28.73 -30.30 42.68
N ALA B 57 -27.96 -29.32 42.21
CA ALA B 57 -27.66 -28.12 42.99
C ALA B 57 -28.75 -27.07 42.92
N GLY B 58 -29.71 -27.22 42.01
CA GLY B 58 -30.68 -26.17 41.83
C GLY B 58 -30.23 -25.04 40.95
N GLN B 59 -29.07 -25.18 40.29
CA GLN B 59 -28.62 -24.20 39.31
C GLN B 59 -29.41 -24.34 38.02
N ARG B 60 -30.00 -25.51 37.82
CA ARG B 60 -30.90 -25.79 36.73
C ARG B 60 -32.12 -26.48 37.33
N SER B 61 -33.31 -26.11 36.85
CA SER B 61 -34.53 -26.76 37.31
C SER B 61 -35.47 -26.93 36.13
N HIS B 62 -35.97 -28.16 35.98
CA HIS B 62 -36.95 -28.53 34.98
C HIS B 62 -37.75 -29.70 35.54
N PRO B 63 -39.09 -29.59 35.59
CA PRO B 63 -39.89 -30.66 36.20
C PRO B 63 -39.80 -32.00 35.49
N VAL B 64 -39.39 -32.03 34.22
CA VAL B 64 -39.28 -33.31 33.53
C VAL B 64 -37.97 -34.00 33.87
N MET B 65 -36.85 -33.25 33.92
CA MET B 65 -35.51 -33.85 34.04
C MET B 65 -35.00 -33.87 35.46
N SER B 66 -35.28 -32.82 36.24
CA SER B 66 -34.76 -32.72 37.60
C SER B 66 -34.95 -34.00 38.42
N PRO B 67 -36.09 -34.70 38.37
CA PRO B 67 -36.19 -35.89 39.23
C PRO B 67 -35.28 -37.02 38.82
N TRP B 68 -35.02 -37.21 37.52
CA TRP B 68 -34.10 -38.27 37.13
C TRP B 68 -32.66 -37.93 37.52
N ALA B 69 -32.33 -36.65 37.61
CA ALA B 69 -30.97 -36.28 38.03
C ALA B 69 -30.75 -36.53 39.52
N GLU B 70 -31.79 -36.34 40.36
CA GLU B 70 -31.66 -36.50 41.81
C GLU B 70 -31.58 -37.97 42.22
N ARG B 71 -32.10 -38.87 41.39
CA ARG B 71 -32.10 -40.31 41.63
C ARG B 71 -30.77 -40.99 41.27
N LEU B 72 -29.85 -40.31 40.59
CA LEU B 72 -28.57 -40.92 40.22
C LEU B 72 -27.56 -40.86 41.35
N THR B 73 -26.78 -41.94 41.51
CA THR B 73 -25.65 -41.97 42.42
C THR B 73 -24.40 -41.43 41.73
N PRO B 74 -23.40 -40.95 42.49
CA PRO B 74 -22.14 -40.53 41.86
C PRO B 74 -21.56 -41.57 40.90
N VAL B 75 -21.55 -42.85 41.27
CA VAL B 75 -21.05 -43.87 40.34
C VAL B 75 -21.94 -43.94 39.09
N ASP B 76 -23.27 -43.82 39.26
CA ASP B 76 -24.17 -43.84 38.10
C ASP B 76 -23.91 -42.65 37.17
N ILE B 77 -23.81 -41.44 37.74
CA ILE B 77 -23.55 -40.23 36.96
C ILE B 77 -22.33 -40.41 36.08
N ALA B 78 -21.22 -40.85 36.67
CA ALA B 78 -20.01 -41.05 35.88
C ALA B 78 -20.24 -42.07 34.78
N ALA B 79 -21.07 -43.09 35.03
CA ALA B 79 -21.30 -44.15 34.06
C ALA B 79 -22.13 -43.68 32.85
N VAL B 80 -23.23 -42.94 33.10
CA VAL B 80 -24.07 -42.50 31.97
C VAL B 80 -23.35 -41.45 31.17
N SER B 81 -22.63 -40.54 31.84
CA SER B 81 -21.82 -39.56 31.11
C SER B 81 -20.85 -40.28 30.18
N ALA B 82 -20.24 -41.35 30.65
CA ALA B 82 -19.30 -42.09 29.83
C ALA B 82 -19.99 -42.74 28.64
N TYR B 83 -21.19 -43.26 28.84
CA TYR B 83 -21.90 -43.91 27.75
C TYR B 83 -22.27 -42.90 26.67
N TYR B 84 -22.81 -41.74 27.08
CA TYR B 84 -23.28 -40.79 26.07
C TYR B 84 -22.12 -40.08 25.37
N GLY B 85 -20.98 -39.91 26.04
CA GLY B 85 -19.81 -39.33 25.40
C GLY B 85 -19.13 -40.27 24.40
N ALA B 86 -19.28 -41.57 24.58
CA ALA B 86 -18.72 -42.56 23.67
C ALA B 86 -19.59 -42.82 22.44
N LEU B 87 -20.84 -42.37 22.47
CA LEU B 87 -21.73 -42.55 21.32
C LEU B 87 -21.30 -41.65 20.17
N ALA B 88 -21.58 -42.11 18.97
CA ALA B 88 -21.40 -41.24 17.82
C ALA B 88 -22.36 -40.07 17.92
N PRO B 89 -21.94 -38.87 17.55
CA PRO B 89 -22.87 -37.75 17.50
C PRO B 89 -24.10 -38.12 16.69
N ALA B 90 -25.24 -37.58 17.11
CA ALA B 90 -26.51 -37.78 16.44
C ALA B 90 -27.43 -36.66 16.88
N SER B 91 -28.43 -36.39 16.04
CA SER B 91 -29.37 -35.32 16.34
C SER B 91 -30.72 -35.63 15.72
N ASN B 92 -31.78 -35.40 16.50
CA ASN B 92 -33.16 -35.52 16.06
C ASN B 92 -33.82 -34.15 16.02
N ALA B 93 -33.01 -33.15 15.71
CA ALA B 93 -33.49 -31.77 15.65
C ALA B 93 -34.30 -31.56 14.38
N ARG B 94 -35.29 -30.69 14.50
CA ARG B 94 -36.08 -30.26 13.34
C ARG B 94 -36.61 -28.88 13.69
N ALA B 95 -36.11 -27.87 13.01
CA ALA B 95 -36.46 -26.50 13.35
C ALA B 95 -37.79 -26.09 12.72
N PRO B 96 -38.47 -25.09 13.28
CA PRO B 96 -39.73 -24.63 12.69
C PRO B 96 -39.53 -24.17 11.25
N SER B 97 -40.57 -24.40 10.44
CA SER B 97 -40.60 -23.88 9.06
C SER B 97 -40.83 -22.37 9.02
N ASP B 98 -41.43 -21.80 10.07
CA ASP B 98 -41.75 -20.37 10.14
C ASP B 98 -40.62 -19.52 10.77
N VAL B 99 -39.37 -20.01 10.78
CA VAL B 99 -38.25 -19.29 11.38
C VAL B 99 -37.06 -19.37 10.44
N ASP B 100 -36.49 -18.21 10.13
CA ASP B 100 -35.49 -18.02 9.06
C ASP B 100 -34.10 -18.29 9.63
N ALA B 101 -33.58 -19.50 9.45
CA ALA B 101 -32.30 -19.83 10.09
C ALA B 101 -31.18 -18.89 9.66
N ALA B 102 -31.22 -18.35 8.45
CA ALA B 102 -30.16 -17.45 8.01
C ALA B 102 -30.06 -16.16 8.84
N ALA B 103 -31.14 -15.75 9.53
CA ALA B 103 -31.07 -14.55 10.39
C ALA B 103 -30.17 -14.76 11.60
N GLY B 104 -29.85 -16.01 11.91
CA GLY B 104 -28.94 -16.28 13.00
C GLY B 104 -27.50 -16.36 12.54
N ARG B 105 -27.25 -16.62 11.25
CA ARG B 105 -25.88 -16.77 10.78
C ARG B 105 -25.01 -15.59 11.25
N ALA B 106 -25.54 -14.38 11.21
CA ALA B 106 -24.72 -13.22 11.56
C ALA B 106 -24.20 -13.31 12.98
N LEU B 107 -25.11 -13.44 13.94
CA LEU B 107 -24.68 -13.54 15.33
C LEU B 107 -23.90 -14.83 15.57
N ALA B 108 -24.32 -15.92 14.95
CA ALA B 108 -23.68 -17.20 15.19
C ALA B 108 -22.20 -17.15 14.85
N GLU B 109 -21.86 -16.53 13.72
CA GLU B 109 -20.56 -16.69 13.07
C GLU B 109 -19.65 -15.45 13.13
N THR B 110 -20.20 -14.25 13.31
CA THR B 110 -19.41 -13.03 13.38
C THR B 110 -19.78 -12.12 14.54
N GLY B 111 -20.83 -12.44 15.30
CA GLY B 111 -21.24 -11.67 16.46
C GLY B 111 -21.82 -10.30 16.08
N ASP B 112 -21.78 -9.41 17.07
CA ASP B 112 -22.14 -8.01 17.00
C ASP B 112 -21.22 -7.30 18.01
N TRP B 113 -19.95 -7.14 17.63
CA TRP B 113 -18.98 -6.41 18.47
C TRP B 113 -19.31 -4.92 18.48
N PRO B 114 -19.63 -4.30 17.34
CA PRO B 114 -19.72 -2.84 17.33
C PRO B 114 -20.81 -2.29 18.22
N GLU B 115 -21.99 -2.90 18.24
CA GLU B 115 -23.09 -2.36 19.05
C GLU B 115 -23.27 -3.06 20.41
N ARG B 116 -22.83 -4.32 20.57
CA ARG B 116 -23.09 -5.06 21.81
C ARG B 116 -21.86 -5.71 22.45
N ASP B 117 -20.64 -5.46 21.93
CA ASP B 117 -19.40 -6.05 22.46
C ASP B 117 -19.53 -7.57 22.64
N LEU B 118 -20.26 -8.18 21.72
CA LEU B 118 -20.76 -9.55 21.81
C LEU B 118 -20.05 -10.46 20.81
N PRO B 119 -19.24 -11.42 21.25
CA PRO B 119 -18.56 -12.28 20.28
C PRO B 119 -19.53 -13.19 19.55
N ALA B 120 -19.07 -13.70 18.43
CA ALA B 120 -19.81 -14.73 17.74
C ALA B 120 -19.99 -15.94 18.66
N CYS B 121 -21.10 -16.65 18.48
CA CYS B 121 -21.34 -17.84 19.28
C CYS B 121 -20.22 -18.85 19.11
N VAL B 122 -19.72 -19.01 17.87
CA VAL B 122 -18.69 -20.01 17.62
C VAL B 122 -17.35 -19.61 18.21
N ARG B 123 -17.24 -18.37 18.70
CA ARG B 123 -15.98 -17.96 19.28
C ARG B 123 -15.66 -18.76 20.52
N CYS B 124 -16.70 -19.18 21.26
CA CYS B 124 -16.58 -20.07 22.41
C CYS B 124 -17.04 -21.50 22.14
N HIS B 125 -18.03 -21.69 21.27
CA HIS B 125 -18.61 -23.01 21.08
C HIS B 125 -18.00 -23.76 19.92
N GLY B 126 -16.93 -23.24 19.35
CA GLY B 126 -16.20 -23.97 18.32
C GLY B 126 -16.75 -23.81 16.91
N PRO B 127 -16.00 -24.31 15.94
CA PRO B 127 -16.39 -24.15 14.53
C PRO B 127 -17.76 -24.74 14.28
N GLY B 128 -18.64 -23.95 13.66
CA GLY B 128 -19.99 -24.42 13.40
C GLY B 128 -20.74 -24.88 14.63
N GLY B 129 -20.31 -24.44 15.82
CA GLY B 129 -20.93 -24.83 17.08
C GLY B 129 -20.85 -26.30 17.43
N VAL B 130 -19.80 -27.01 17.01
CA VAL B 130 -19.68 -28.43 17.35
C VAL B 130 -19.11 -28.67 18.74
N GLY B 131 -18.83 -27.60 19.49
CA GLY B 131 -18.29 -27.70 20.82
C GLY B 131 -16.80 -27.42 20.89
N ALA B 132 -16.35 -27.03 22.06
CA ALA B 132 -14.97 -26.70 22.32
C ALA B 132 -14.55 -27.26 23.70
N GLY B 133 -14.41 -28.59 23.77
CA GLY B 133 -14.01 -29.23 25.02
C GLY B 133 -15.12 -29.27 26.06
N ALA B 134 -14.70 -29.60 27.29
CA ALA B 134 -15.68 -29.88 28.34
C ALA B 134 -16.41 -28.62 28.81
N VAL B 135 -15.71 -27.49 28.91
CA VAL B 135 -16.34 -26.26 29.37
C VAL B 135 -17.45 -25.80 28.40
N PHE B 136 -17.27 -25.99 27.09
CA PHE B 136 -18.09 -25.31 26.08
C PHE B 136 -18.85 -26.30 25.22
N PRO B 137 -20.13 -26.53 25.47
CA PRO B 137 -20.82 -27.65 24.84
C PRO B 137 -21.20 -27.34 23.40
N PRO B 138 -21.47 -28.35 22.61
CA PRO B 138 -21.95 -28.11 21.25
C PRO B 138 -23.37 -27.55 21.24
N LEU B 139 -23.61 -26.66 20.27
CA LEU B 139 -24.94 -26.20 19.88
C LEU B 139 -25.45 -26.89 18.62
N ALA B 140 -24.57 -27.39 17.77
CA ALA B 140 -24.98 -28.02 16.52
C ALA B 140 -25.81 -29.28 16.75
N GLY B 141 -27.00 -29.34 16.16
CA GLY B 141 -27.80 -30.55 16.30
C GLY B 141 -28.57 -30.66 17.58
N GLN B 142 -28.43 -29.71 18.49
CA GLN B 142 -29.32 -29.66 19.62
C GLN B 142 -30.72 -29.29 19.14
N PRO B 143 -31.77 -29.90 19.68
CA PRO B 143 -33.12 -29.54 19.25
C PRO B 143 -33.43 -28.06 19.43
N TYR B 144 -34.19 -27.52 18.46
CA TYR B 144 -34.60 -26.12 18.52
C TYR B 144 -35.27 -25.80 19.85
N SER B 145 -36.20 -26.67 20.27
CA SER B 145 -36.91 -26.43 21.52
C SER B 145 -35.95 -26.34 22.70
N TYR B 146 -34.93 -27.21 22.70
CA TYR B 146 -33.98 -27.25 23.81
C TYR B 146 -33.09 -26.01 23.81
N LEU B 147 -32.50 -25.67 22.67
CA LEU B 147 -31.65 -24.47 22.62
C LEU B 147 -32.43 -23.24 23.04
N LEU B 148 -33.65 -23.06 22.52
CA LEU B 148 -34.39 -21.84 22.80
C LEU B 148 -34.81 -21.79 24.27
N ALA B 149 -35.18 -22.92 24.86
CA ALA B 149 -35.51 -22.93 26.28
C ALA B 149 -34.32 -22.46 27.13
N GLN B 150 -33.11 -22.96 26.84
CA GLN B 150 -31.93 -22.55 27.61
C GLN B 150 -31.66 -21.06 27.43
N LEU B 151 -31.77 -20.55 26.20
CA LEU B 151 -31.53 -19.12 25.99
C LEU B 151 -32.58 -18.29 26.71
N GLN B 152 -33.85 -18.76 26.71
CA GLN B 152 -34.90 -18.10 27.48
C GLN B 152 -34.64 -18.20 29.00
N ALA B 153 -34.17 -19.35 29.48
CA ALA B 153 -33.91 -19.53 30.90
C ALA B 153 -32.83 -18.57 31.40
N TRP B 154 -31.73 -18.43 30.65
CA TRP B 154 -30.67 -17.55 31.08
C TRP B 154 -31.14 -16.10 31.06
N GLY B 155 -32.02 -15.77 30.10
CA GLY B 155 -32.52 -14.41 30.00
C GLY B 155 -33.47 -14.01 31.11
N THR B 156 -33.97 -14.98 31.88
CA THR B 156 -34.86 -14.71 32.99
C THR B 156 -34.35 -15.22 34.32
N GLY B 157 -33.17 -15.83 34.38
CA GLY B 157 -32.65 -16.26 35.65
C GLY B 157 -33.06 -17.64 36.09
N ARG B 158 -33.74 -18.40 35.25
CA ARG B 158 -34.03 -19.80 35.54
C ARG B 158 -32.87 -20.74 35.21
N ARG B 159 -31.71 -20.23 34.78
CA ARG B 159 -30.47 -21.00 34.64
C ARG B 159 -29.28 -20.13 35.03
N HIS B 160 -28.38 -20.69 35.82
CA HIS B 160 -27.19 -19.97 36.25
C HIS B 160 -26.11 -21.01 36.56
N GLY B 161 -25.01 -20.55 37.13
CA GLY B 161 -23.99 -21.44 37.63
C GLY B 161 -22.85 -21.72 36.69
N GLU B 162 -22.93 -21.25 35.43
CA GLU B 162 -21.86 -21.48 34.47
C GLU B 162 -20.67 -20.54 34.76
N PRO B 163 -19.47 -20.93 34.35
CA PRO B 163 -18.27 -20.14 34.69
C PRO B 163 -18.39 -18.69 34.28
N MET B 164 -17.95 -17.79 35.16
CA MET B 164 -17.90 -16.35 34.91
C MET B 164 -19.24 -15.76 34.49
N ALA B 165 -20.32 -16.53 34.66
CA ALA B 165 -21.69 -16.11 34.33
C ALA B 165 -21.83 -15.72 32.84
N LEU B 166 -21.10 -16.44 31.97
CA LEU B 166 -20.93 -16.01 30.59
C LEU B 166 -22.24 -15.99 29.82
N MET B 167 -23.04 -17.05 29.94
CA MET B 167 -24.24 -17.15 29.11
C MET B 167 -25.38 -16.29 29.66
N GLY B 168 -25.31 -15.90 30.93
CA GLY B 168 -26.23 -14.87 31.39
C GLY B 168 -25.97 -13.54 30.74
N ALA B 169 -24.70 -13.19 30.55
CA ALA B 169 -24.38 -11.94 29.85
C ALA B 169 -24.76 -12.04 28.37
N VAL B 170 -24.53 -13.19 27.75
CA VAL B 170 -24.86 -13.36 26.33
C VAL B 170 -26.37 -13.31 26.12
N ALA B 171 -27.14 -14.12 26.86
CA ALA B 171 -28.58 -14.17 26.63
C ALA B 171 -29.24 -12.83 26.93
N GLY B 172 -28.70 -12.08 27.89
CA GLY B 172 -29.20 -10.77 28.23
C GLY B 172 -29.07 -9.76 27.12
N ARG B 173 -28.29 -10.06 26.09
CA ARG B 173 -28.02 -9.15 24.99
C ARG B 173 -28.75 -9.55 23.72
N LEU B 174 -29.59 -10.57 23.78
CA LEU B 174 -30.35 -11.01 22.64
C LEU B 174 -31.84 -10.71 22.84
N ASP B 175 -32.51 -10.30 21.75
CA ASP B 175 -33.97 -10.14 21.78
C ASP B 175 -34.61 -11.47 21.35
N ALA B 176 -35.93 -11.59 21.62
CA ALA B 176 -36.60 -12.86 21.38
C ALA B 176 -36.43 -13.33 19.95
N ASP B 177 -36.53 -12.41 18.99
CA ASP B 177 -36.41 -12.78 17.58
C ASP B 177 -35.05 -13.41 17.32
N GLU B 178 -33.99 -12.82 17.89
CA GLU B 178 -32.66 -13.37 17.68
C GLU B 178 -32.51 -14.74 18.34
N GLN B 179 -33.14 -14.95 19.50
CA GLN B 179 -33.05 -16.24 20.19
C GLN B 179 -33.65 -17.34 19.33
N ARG B 180 -34.78 -17.07 18.68
CA ARG B 180 -35.37 -18.08 17.82
C ARG B 180 -34.47 -18.36 16.62
N ALA B 181 -33.91 -17.30 16.03
CA ALA B 181 -33.06 -17.46 14.84
C ALA B 181 -31.80 -18.27 15.14
N LEU B 182 -31.14 -17.97 16.27
CA LEU B 182 -29.96 -18.72 16.67
C LEU B 182 -30.28 -20.18 16.93
N ALA B 183 -31.37 -20.45 17.63
CA ALA B 183 -31.72 -21.84 17.88
C ALA B 183 -32.03 -22.56 16.59
N ALA B 184 -32.72 -21.90 15.67
CA ALA B 184 -33.00 -22.51 14.37
C ALA B 184 -31.70 -22.71 13.60
N TYR B 185 -30.80 -21.72 13.69
CA TYR B 185 -29.53 -21.82 12.99
C TYR B 185 -28.75 -23.04 13.48
N PHE B 186 -28.58 -23.19 14.80
CA PHE B 186 -27.71 -24.26 15.26
C PHE B 186 -28.35 -25.63 15.21
N ALA B 187 -29.67 -25.71 15.34
CA ALA B 187 -30.35 -27.00 15.18
C ALA B 187 -30.15 -27.58 13.78
N THR B 188 -29.96 -26.72 12.77
CA THR B 188 -29.82 -27.19 11.40
C THR B 188 -28.37 -27.26 10.92
N ARG B 189 -27.32 -27.08 11.88
CA ARG B 189 -25.96 -27.28 11.39
C ARG B 189 -25.56 -28.74 11.52
N PRO B 190 -24.64 -29.19 10.67
CA PRO B 190 -24.13 -30.56 10.77
C PRO B 190 -23.19 -30.75 11.95
N LEU B 191 -23.06 -32.02 12.35
CA LEU B 191 -22.25 -32.40 13.51
C LEU B 191 -20.76 -32.61 13.19
N ALA B 192 -20.30 -32.26 11.98
CA ALA B 192 -18.86 -32.32 11.64
C ALA B 192 -18.33 -31.00 11.01
N ALA B 240 -20.16 2.47 16.62
CA ALA B 240 -20.52 3.66 17.40
C ALA B 240 -19.76 4.93 16.91
N ALA B 241 -20.13 6.07 17.52
CA ALA B 241 -19.82 7.42 17.03
C ALA B 241 -18.35 7.83 17.28
N SER B 242 -17.90 8.76 16.43
CA SER B 242 -16.57 9.40 16.35
C SER B 242 -15.44 8.45 15.92
N ARG B 243 -15.75 7.19 15.62
CA ARG B 243 -14.73 6.24 15.20
C ARG B 243 -15.01 5.77 13.79
N PHE B 244 -13.92 5.44 13.10
CA PHE B 244 -14.06 5.01 11.72
C PHE B 244 -14.98 3.79 11.68
N THR B 245 -15.79 3.68 10.62
CA THR B 245 -16.64 2.51 10.47
C THR B 245 -16.25 1.80 9.19
N PRO B 246 -15.80 0.55 9.25
CA PRO B 246 -15.47 -0.19 8.04
C PRO B 246 -16.74 -0.61 7.31
N PRO B 247 -16.61 -1.11 6.09
CA PRO B 247 -17.80 -1.55 5.34
C PRO B 247 -18.42 -2.78 5.94
N SER B 248 -19.75 -2.84 5.87
CA SER B 248 -20.46 -4.04 6.31
C SER B 248 -19.99 -5.25 5.49
N ARG B 249 -20.14 -6.44 6.08
CA ARG B 249 -19.69 -7.67 5.43
C ARG B 249 -20.52 -8.08 4.21
N ASP B 250 -21.67 -7.44 3.96
CA ASP B 250 -22.41 -7.68 2.72
C ASP B 250 -21.90 -6.82 1.56
N ALA B 251 -21.38 -5.63 1.85
CA ALA B 251 -20.94 -4.64 0.87
C ALA B 251 -19.51 -4.90 0.35
N LEU B 252 -19.34 -6.08 -0.25
CA LEU B 252 -18.08 -6.42 -0.90
C LEU B 252 -17.95 -5.75 -2.28
N PRO B 253 -16.72 -5.59 -2.78
CA PRO B 253 -16.53 -5.04 -4.12
C PRO B 253 -16.97 -6.00 -5.21
N GLU B 254 -17.20 -5.42 -6.38
CA GLU B 254 -17.65 -6.18 -7.53
C GLU B 254 -16.48 -6.86 -8.21
N GLY B 255 -16.71 -8.09 -8.65
CA GLY B 255 -15.80 -8.72 -9.55
C GLY B 255 -14.59 -9.31 -8.86
N PRO B 256 -13.51 -9.50 -9.63
CA PRO B 256 -12.33 -10.22 -9.10
C PRO B 256 -11.71 -9.62 -7.83
N LEU B 257 -11.68 -8.30 -7.67
CA LEU B 257 -11.22 -7.77 -6.38
C LEU B 257 -12.07 -8.31 -5.24
N GLY B 258 -13.39 -8.38 -5.42
CA GLY B 258 -14.27 -8.91 -4.38
C GLY B 258 -13.90 -10.33 -3.98
N GLU B 259 -13.50 -11.16 -4.94
CA GLU B 259 -13.10 -12.53 -4.61
C GLU B 259 -11.81 -12.53 -3.81
N MET B 260 -10.88 -11.60 -4.12
CA MET B 260 -9.65 -11.49 -3.35
C MET B 260 -9.93 -11.00 -1.94
N VAL B 261 -10.81 -10.01 -1.81
CA VAL B 261 -11.16 -9.52 -0.49
C VAL B 261 -11.75 -10.65 0.33
N ARG B 262 -12.61 -11.47 -0.30
CA ARG B 262 -13.20 -12.61 0.39
C ARG B 262 -12.12 -13.55 0.86
N LEU B 263 -11.15 -13.82 0.00
CA LEU B 263 -10.08 -14.74 0.33
C LEU B 263 -9.25 -14.21 1.49
N GLY B 264 -8.87 -12.93 1.42
CA GLY B 264 -8.09 -12.35 2.50
C GLY B 264 -8.82 -12.40 3.83
N ALA B 265 -10.13 -12.19 3.80
CA ALA B 265 -10.87 -12.29 5.05
C ALA B 265 -10.78 -13.71 5.62
N ARG B 266 -10.72 -14.74 4.78
CA ARG B 266 -10.63 -16.06 5.37
C ARG B 266 -9.21 -16.47 5.71
N LEU B 267 -8.22 -15.94 5.02
CA LEU B 267 -6.86 -16.20 5.46
C LEU B 267 -6.63 -15.54 6.81
N PHE B 268 -7.23 -14.37 7.00
CA PHE B 268 -7.10 -13.67 8.27
C PHE B 268 -7.69 -14.52 9.39
N ARG B 269 -8.85 -15.12 9.12
CA ARG B 269 -9.60 -15.86 10.13
C ARG B 269 -9.12 -17.30 10.31
N HIS B 270 -8.60 -17.92 9.26
CA HIS B 270 -8.24 -19.34 9.28
C HIS B 270 -6.80 -19.54 8.85
N THR B 271 -5.90 -18.66 9.32
CA THR B 271 -4.55 -18.63 8.78
C THR B 271 -3.86 -19.98 8.85
N ASN B 272 -4.14 -20.76 9.89
CA ASN B 272 -3.34 -21.95 10.11
C ASN B 272 -3.87 -23.20 9.42
N THR B 273 -5.10 -23.16 8.89
CA THR B 273 -5.74 -24.33 8.29
C THR B 273 -5.99 -24.22 6.80
N ASP B 274 -6.12 -23.01 6.28
CA ASP B 274 -6.33 -22.82 4.85
C ASP B 274 -5.12 -23.30 4.06
N PRO B 275 -5.31 -24.06 2.97
CA PRO B 275 -4.16 -24.62 2.26
C PRO B 275 -3.23 -23.58 1.69
N ARG B 276 -3.72 -22.38 1.39
CA ARG B 276 -2.87 -21.35 0.82
C ARG B 276 -1.90 -20.74 1.84
N SER B 277 -2.35 -20.45 3.06
CA SER B 277 -1.48 -19.83 4.07
C SER B 277 -0.85 -20.82 5.04
N ALA B 278 -1.47 -21.96 5.29
CA ALA B 278 -0.99 -22.86 6.33
C ALA B 278 0.47 -23.25 6.15
N PRO B 279 0.97 -23.45 4.94
CA PRO B 279 2.39 -23.84 4.80
C PRO B 279 3.35 -22.81 5.31
N HIS B 280 2.88 -21.61 5.64
CA HIS B 280 3.77 -20.56 6.16
C HIS B 280 3.53 -20.31 7.64
N VAL B 281 2.69 -21.12 8.28
CA VAL B 281 2.38 -20.96 9.70
C VAL B 281 2.99 -22.14 10.47
N GLY B 282 3.83 -21.84 11.46
CA GLY B 282 4.50 -22.88 12.23
C GLY B 282 4.01 -23.00 13.67
N ASN B 283 2.86 -22.41 13.96
CA ASN B 283 2.28 -22.54 15.29
C ASN B 283 0.78 -22.61 15.13
N ASP B 284 0.04 -22.44 16.22
CA ASP B 284 -1.42 -22.61 16.24
C ASP B 284 -2.05 -21.25 16.51
N GLN B 285 -1.87 -20.34 15.54
CA GLN B 285 -2.34 -18.99 15.66
C GLN B 285 -3.10 -18.61 14.39
N THR B 286 -3.87 -17.52 14.48
CA THR B 286 -4.44 -16.84 13.34
C THR B 286 -4.34 -15.33 13.56
N CYS B 287 -4.41 -14.57 12.47
CA CYS B 287 -4.41 -13.13 12.60
C CYS B 287 -5.57 -12.67 13.47
N ALA B 288 -6.73 -13.28 13.29
CA ALA B 288 -7.93 -12.80 13.93
C ALA B 288 -7.84 -12.91 15.44
N GLY B 289 -6.93 -13.76 15.94
CA GLY B 289 -6.82 -14.01 17.35
C GLY B 289 -6.25 -12.84 18.13
N CYS B 290 -5.38 -12.07 17.50
CA CYS B 290 -4.84 -10.88 18.13
C CYS B 290 -5.42 -9.59 17.57
N HIS B 291 -6.20 -9.69 16.48
CA HIS B 291 -6.74 -8.51 15.78
C HIS B 291 -8.24 -8.79 15.71
N LEU B 292 -8.92 -8.47 16.81
CA LEU B 292 -10.25 -9.03 17.04
C LEU B 292 -11.30 -8.53 16.03
N ASP B 293 -12.40 -9.29 15.95
CA ASP B 293 -13.44 -9.08 14.96
C ASP B 293 -12.84 -9.11 13.56
N ASN B 294 -11.85 -9.99 13.37
CA ASN B 294 -11.24 -10.23 12.07
C ASN B 294 -10.65 -8.94 11.51
N GLY B 295 -10.01 -8.16 12.37
CA GLY B 295 -9.36 -6.97 11.92
C GLY B 295 -10.19 -5.71 11.94
N ARG B 296 -11.41 -5.75 12.51
CA ARG B 296 -12.30 -4.60 12.51
C ARG B 296 -12.38 -3.84 13.83
N ARG B 297 -11.90 -4.40 14.94
CA ARG B 297 -12.22 -3.94 16.29
C ARG B 297 -11.28 -2.83 16.74
N ALA B 298 -11.82 -1.63 16.94
CA ALA B 298 -11.00 -0.56 17.51
C ALA B 298 -10.38 -0.97 18.83
N ASP B 299 -9.13 -0.56 19.04
CA ASP B 299 -8.35 -0.86 20.25
C ASP B 299 -7.94 -2.32 20.31
N ALA B 300 -8.10 -3.06 19.24
CA ALA B 300 -7.55 -4.40 19.12
C ALA B 300 -6.76 -4.53 17.82
N SER B 301 -5.91 -3.52 17.58
CA SER B 301 -5.13 -3.29 16.35
C SER B 301 -5.96 -3.55 15.11
N PRO B 302 -6.98 -2.73 14.85
CA PRO B 302 -7.76 -2.92 13.62
C PRO B 302 -6.89 -2.69 12.38
N MET B 303 -7.23 -3.41 11.32
CA MET B 303 -6.46 -3.31 10.10
C MET B 303 -6.71 -2.01 9.36
N TRP B 304 -7.91 -1.42 9.51
CA TRP B 304 -8.20 -0.19 8.77
C TRP B 304 -7.31 0.97 9.17
N ALA B 305 -6.87 1.01 10.43
CA ALA B 305 -5.99 2.07 10.89
C ALA B 305 -4.56 1.81 10.47
N ALA B 306 -4.27 0.60 10.02
CA ALA B 306 -2.91 0.25 9.64
C ALA B 306 -2.69 0.51 8.16
N TRP B 307 -3.70 0.25 7.33
CA TRP B 307 -3.53 0.44 5.90
C TRP B 307 -3.06 1.86 5.57
N VAL B 308 -3.62 2.86 6.27
CA VAL B 308 -3.30 4.25 5.98
C VAL B 308 -2.02 4.74 6.66
N ALA B 309 -1.33 3.89 7.43
CA ALA B 309 -0.16 4.32 8.19
C ALA B 309 1.19 3.87 7.60
N TYR B 310 1.18 2.98 6.63
CA TYR B 310 2.34 2.37 6.00
C TYR B 310 2.45 2.83 4.55
N PRO B 311 3.66 2.98 4.00
CA PRO B 311 5.01 2.75 4.52
C PRO B 311 5.33 3.54 5.77
N ALA B 312 6.18 2.99 6.64
CA ALA B 312 6.47 3.67 7.90
C ALA B 312 7.81 3.22 8.44
N TYR B 313 8.54 4.14 9.09
CA TYR B 313 9.78 3.74 9.77
C TYR B 313 9.38 3.01 11.04
N ARG B 314 9.97 1.84 11.23
CA ARG B 314 9.71 0.98 12.38
C ARG B 314 11.00 0.87 13.19
N GLY B 315 10.95 1.27 14.45
CA GLY B 315 12.13 1.13 15.27
C GLY B 315 12.58 -0.31 15.48
N LYS B 316 11.68 -1.28 15.34
CA LYS B 316 12.05 -2.67 15.60
C LYS B 316 13.11 -3.20 14.61
N ASN B 317 13.06 -2.78 13.35
CA ASN B 317 14.09 -3.21 12.38
C ASN B 317 14.88 -2.08 11.73
N GLN B 318 14.73 -0.84 12.20
CA GLN B 318 15.47 0.34 11.69
C GLN B 318 15.30 0.50 10.18
N ARG B 319 14.07 0.70 9.75
CA ARG B 319 13.84 0.72 8.33
C ARG B 319 12.38 1.03 8.07
N VAL B 320 12.12 1.47 6.87
CA VAL B 320 10.78 1.74 6.40
C VAL B 320 10.19 0.44 5.88
N ASP B 321 8.95 0.16 6.26
CA ASP B 321 8.32 -1.13 5.96
C ASP B 321 7.05 -0.82 5.23
N THR B 322 6.84 -1.54 4.14
CA THR B 322 5.54 -1.53 3.50
C THR B 322 4.56 -2.37 4.27
N MET B 323 3.27 -2.22 3.94
CA MET B 323 2.28 -3.13 4.50
C MET B 323 2.63 -4.59 4.20
N ALA B 324 3.08 -4.89 3.00
CA ALA B 324 3.47 -6.26 2.74
C ALA B 324 4.62 -6.68 3.64
N GLU B 325 5.63 -5.82 3.79
CA GLU B 325 6.77 -6.16 4.65
C GLU B 325 6.31 -6.32 6.11
N ARG B 326 5.39 -5.47 6.56
CA ARG B 326 4.86 -5.59 7.91
C ARG B 326 4.19 -6.94 8.12
N ILE B 327 3.33 -7.35 7.19
CA ILE B 327 2.64 -8.63 7.25
C ILE B 327 3.62 -9.81 7.21
N GLN B 328 4.71 -9.69 6.47
CA GLN B 328 5.68 -10.79 6.48
C GLN B 328 6.35 -10.90 7.84
N GLY B 329 6.50 -9.77 8.52
CA GLY B 329 7.00 -9.81 9.87
C GLY B 329 6.07 -10.56 10.80
N CYS B 330 4.77 -10.30 10.70
CA CYS B 330 3.82 -11.04 11.50
C CYS B 330 3.95 -12.55 11.23
N PHE B 331 4.22 -12.94 9.99
CA PHE B 331 4.41 -14.37 9.73
C PHE B 331 5.71 -14.83 10.39
N ARG B 332 6.74 -13.98 10.36
CA ARG B 332 8.03 -14.35 10.92
C ARG B 332 7.95 -14.58 12.43
N TYR B 333 7.14 -13.78 13.13
CA TYR B 333 7.16 -13.78 14.59
C TYR B 333 5.86 -14.31 15.19
N SER B 334 4.72 -13.66 14.95
CA SER B 334 3.48 -14.10 15.57
C SER B 334 3.03 -15.47 15.04
N MET B 335 3.27 -15.78 13.76
CA MET B 335 2.94 -17.09 13.20
C MET B 335 4.14 -18.03 13.12
N ASN B 336 5.33 -17.60 13.54
CA ASN B 336 6.48 -18.50 13.73
C ASN B 336 6.78 -19.31 12.46
N ALA B 337 6.94 -18.62 11.33
CA ALA B 337 7.03 -19.33 10.05
C ALA B 337 8.26 -20.23 9.99
N GLN B 338 9.28 -19.95 10.81
CA GLN B 338 10.49 -20.78 10.79
C GLN B 338 10.17 -22.26 11.04
N ASP B 339 9.19 -22.56 11.89
CA ASP B 339 8.87 -23.95 12.20
C ASP B 339 7.69 -24.45 11.38
N SER B 340 7.37 -23.74 10.29
CA SER B 340 6.36 -24.20 9.33
C SER B 340 6.97 -25.17 8.33
N VAL B 341 6.07 -25.77 7.56
CA VAL B 341 6.46 -26.72 6.54
C VAL B 341 7.37 -26.08 5.49
N SER B 342 6.97 -24.92 4.99
CA SER B 342 7.81 -24.19 4.05
C SER B 342 9.04 -23.60 4.72
N GLY B 343 9.00 -23.34 6.02
CA GLY B 343 10.10 -22.70 6.68
C GLY B 343 10.27 -21.24 6.35
N GLN B 344 9.39 -20.67 5.52
CA GLN B 344 9.53 -19.33 4.96
C GLN B 344 8.21 -18.57 5.09
N VAL B 345 8.31 -17.25 5.06
CA VAL B 345 7.11 -16.43 5.03
C VAL B 345 6.56 -16.40 3.61
N PRO B 346 5.32 -15.99 3.42
CA PRO B 346 4.76 -16.03 2.06
C PRO B 346 5.47 -15.04 1.15
N GLU B 347 5.57 -15.40 -0.14
CA GLU B 347 6.24 -14.55 -1.13
C GLU B 347 5.45 -13.27 -1.33
N THR B 348 6.17 -12.17 -1.54
CA THR B 348 5.56 -10.86 -1.38
C THR B 348 4.59 -10.51 -2.52
N ASN B 349 4.79 -11.01 -3.74
CA ASN B 349 3.73 -10.86 -4.74
C ASN B 349 2.93 -12.14 -4.96
N GLY B 350 2.92 -13.05 -3.98
CA GLY B 350 2.11 -14.25 -4.06
C GLY B 350 0.66 -14.04 -3.69
N LEU B 351 -0.12 -15.14 -3.77
CA LEU B 351 -1.56 -15.03 -3.56
C LEU B 351 -1.91 -14.66 -2.12
N VAL B 352 -1.16 -15.16 -1.14
CA VAL B 352 -1.52 -14.91 0.25
C VAL B 352 -1.39 -13.44 0.57
N LEU B 353 -0.22 -12.86 0.29
CA LEU B 353 0.00 -11.42 0.55
C LEU B 353 -0.97 -10.54 -0.25
N ASP B 354 -1.23 -10.90 -1.50
CA ASP B 354 -2.16 -10.10 -2.27
C ASP B 354 -3.55 -10.14 -1.65
N ALA B 355 -4.00 -11.34 -1.23
CA ALA B 355 -5.34 -11.44 -0.65
C ALA B 355 -5.43 -10.67 0.66
N LEU B 356 -4.44 -10.85 1.55
CA LEU B 356 -4.49 -10.16 2.83
C LEU B 356 -4.50 -8.65 2.63
N GLN B 357 -3.66 -8.14 1.71
CA GLN B 357 -3.63 -6.69 1.47
C GLN B 357 -4.92 -6.18 0.82
N SER B 358 -5.59 -7.00 0.00
CA SER B 358 -6.86 -6.56 -0.58
C SER B 358 -7.91 -6.43 0.51
N TYR B 359 -7.91 -7.40 1.44
CA TYR B 359 -8.87 -7.39 2.54
C TYR B 359 -8.63 -6.20 3.45
N ILE B 360 -7.37 -5.96 3.78
CA ILE B 360 -7.05 -4.84 4.66
C ILE B 360 -7.41 -3.53 3.99
N PHE B 361 -7.13 -3.42 2.69
CA PHE B 361 -7.48 -2.24 1.89
C PHE B 361 -8.97 -1.98 1.95
N TRP B 362 -9.75 -3.04 1.72
CA TRP B 362 -11.21 -2.92 1.72
C TRP B 362 -11.73 -2.43 3.06
N LEU B 363 -11.23 -2.99 4.16
CA LEU B 363 -11.67 -2.56 5.48
C LEU B 363 -11.43 -1.08 5.69
N ALA B 364 -10.43 -0.52 5.00
CA ALA B 364 -10.00 0.85 5.23
C ALA B 364 -10.71 1.85 4.31
N THR B 365 -11.69 1.39 3.54
CA THR B 365 -12.40 2.25 2.61
C THR B 365 -12.81 3.54 3.28
N GLY B 366 -12.35 4.65 2.71
CA GLY B 366 -12.73 5.95 3.15
C GLY B 366 -11.77 6.61 4.10
N ALA B 367 -10.86 5.81 4.68
CA ALA B 367 -9.93 6.33 5.68
C ALA B 367 -8.89 7.22 4.99
N PRO B 368 -8.47 8.30 5.64
CA PRO B 368 -7.56 9.28 4.99
C PRO B 368 -6.11 8.82 4.99
N THR B 369 -5.54 8.74 3.79
CA THR B 369 -4.18 8.25 3.62
C THR B 369 -3.20 9.03 4.49
N GLY B 370 -2.37 8.31 5.21
CA GLY B 370 -1.26 8.94 5.88
C GLY B 370 -1.56 9.37 7.30
N ASP B 371 -2.80 9.17 7.77
CA ASP B 371 -3.20 9.46 9.14
C ASP B 371 -2.66 8.35 10.04
N THR B 372 -1.55 8.62 10.71
CA THR B 372 -0.95 7.58 11.53
C THR B 372 -1.57 7.49 12.91
N ALA B 373 -2.59 8.28 13.20
CA ALA B 373 -3.18 8.31 14.52
C ALA B 373 -4.68 8.23 14.45
N MET B 374 -5.22 7.40 13.59
CA MET B 374 -6.65 7.20 13.62
C MET B 374 -7.06 6.67 14.98
N SER B 375 -8.11 7.25 15.53
CA SER B 375 -8.61 6.80 16.82
C SER B 375 -9.00 5.33 16.75
N GLY B 376 -8.44 4.53 17.66
CA GLY B 376 -8.64 3.10 17.69
C GLY B 376 -7.42 2.29 17.28
N ARG B 377 -6.38 2.94 16.79
CA ARG B 377 -5.26 2.22 16.24
C ARG B 377 -4.57 1.46 17.34
N GLY B 378 -4.09 0.27 17.03
CA GLY B 378 -3.28 -0.51 17.94
C GLY B 378 -4.04 -0.86 19.20
N TYR B 379 -3.30 -1.02 20.31
CA TYR B 379 -3.89 -1.25 21.62
C TYR B 379 -3.68 0.00 22.49
N PRO B 380 -4.60 0.34 23.40
CA PRO B 380 -4.43 1.56 24.23
C PRO B 380 -3.25 1.47 25.18
N ARG B 381 -2.35 2.42 25.04
CA ARG B 381 -1.11 2.40 25.81
C ARG B 381 -1.43 2.62 27.28
N LEU B 382 -0.82 1.82 28.14
CA LEU B 382 -0.99 1.98 29.57
C LEU B 382 0.15 2.81 30.14
N GLN B 383 -0.14 3.48 31.25
CA GLN B 383 0.90 4.16 31.99
C GLN B 383 1.73 3.10 32.68
N PRO B 384 3.06 3.12 32.61
CA PRO B 384 3.82 2.03 33.21
C PRO B 384 3.67 2.06 34.71
N PRO B 385 3.60 0.90 35.35
CA PRO B 385 3.33 0.86 36.79
C PRO B 385 4.56 1.24 37.60
N ALA B 386 4.37 2.19 38.53
CA ALA B 386 5.44 2.50 39.49
C ALA B 386 5.74 1.31 40.39
N GLU B 387 4.82 0.35 40.49
CA GLU B 387 4.93 -0.83 41.34
C GLU B 387 5.54 -2.02 40.61
N GLY B 388 5.91 -1.83 39.33
CA GLY B 388 6.39 -2.92 38.54
C GLY B 388 5.26 -3.89 38.27
N PHE B 389 5.64 -5.12 37.96
CA PHE B 389 4.68 -6.16 37.72
C PHE B 389 5.10 -7.46 38.40
N ASP B 390 4.10 -8.11 38.99
CA ASP B 390 4.27 -9.25 39.89
C ASP B 390 3.71 -10.49 39.20
N ARG B 391 4.60 -11.38 38.73
CA ARG B 391 4.13 -12.62 38.13
C ARG B 391 3.36 -13.51 39.09
N THR B 392 3.54 -13.34 40.39
CA THR B 392 2.80 -14.19 41.31
C THR B 392 1.35 -13.72 41.44
N ARG B 393 1.15 -12.41 41.70
CA ARG B 393 -0.16 -11.80 41.47
C ARG B 393 -0.72 -12.26 40.13
N GLY B 394 0.11 -12.22 39.09
CA GLY B 394 -0.36 -12.50 37.74
C GLY B 394 -0.87 -13.92 37.59
N ALA B 395 -0.19 -14.89 38.22
CA ALA B 395 -0.60 -16.28 38.10
C ALA B 395 -1.93 -16.52 38.79
N ALA B 396 -2.19 -15.77 39.86
CA ALA B 396 -3.49 -15.88 40.50
C ALA B 396 -4.59 -15.45 39.56
N LEU B 397 -4.45 -14.21 39.04
CA LEU B 397 -5.40 -13.66 38.08
C LEU B 397 -5.60 -14.59 36.89
N TYR B 398 -4.51 -15.15 36.36
CA TYR B 398 -4.62 -16.04 35.22
C TYR B 398 -5.49 -17.24 35.56
N ALA B 399 -5.30 -17.83 36.74
CA ALA B 399 -6.11 -18.96 37.15
C ALA B 399 -7.56 -18.55 37.39
N GLU B 400 -7.77 -17.33 37.87
CA GLU B 400 -9.11 -16.81 38.10
C GLU B 400 -9.87 -16.54 36.79
N HIS B 401 -9.24 -15.83 35.84
CA HIS B 401 -9.95 -15.18 34.75
C HIS B 401 -9.57 -15.60 33.34
N CYS B 402 -8.62 -16.53 33.17
CA CYS B 402 -8.07 -16.85 31.85
C CYS B 402 -7.96 -18.35 31.56
N ALA B 403 -7.55 -19.16 32.55
CA ALA B 403 -7.26 -20.56 32.28
C ALA B 403 -8.47 -21.31 31.76
N LEU B 404 -9.67 -20.83 32.09
CA LEU B 404 -10.88 -21.49 31.63
C LEU B 404 -10.83 -21.77 30.14
N CYS B 405 -10.36 -20.78 29.36
CA CYS B 405 -10.24 -20.85 27.90
C CYS B 405 -8.81 -21.15 27.45
N HIS B 406 -7.81 -20.40 27.94
CA HIS B 406 -6.46 -20.57 27.42
C HIS B 406 -5.70 -21.73 28.02
N GLY B 407 -6.23 -22.37 29.06
CA GLY B 407 -5.64 -23.56 29.64
C GLY B 407 -4.81 -23.27 30.89
N ALA B 408 -4.77 -24.25 31.78
CA ALA B 408 -3.98 -24.13 33.00
C ALA B 408 -2.50 -23.93 32.69
N GLU B 409 -2.04 -24.55 31.61
CA GLU B 409 -0.67 -24.46 31.14
C GLU B 409 -0.54 -23.62 29.87
N GLY B 410 -1.46 -22.68 29.65
CA GLY B 410 -1.45 -21.83 28.47
C GLY B 410 -1.60 -22.60 27.16
N GLU B 411 -2.00 -23.87 27.22
CA GLU B 411 -1.92 -24.71 26.02
C GLU B 411 -2.95 -24.35 24.95
N GLY B 412 -3.97 -23.56 25.26
CA GLY B 412 -5.06 -23.26 24.36
C GLY B 412 -5.87 -24.48 23.97
N LEU B 413 -6.75 -24.27 22.99
CA LEU B 413 -7.62 -25.32 22.51
C LEU B 413 -7.80 -25.28 20.98
N LEU B 414 -7.69 -26.45 20.36
CA LEU B 414 -7.97 -26.60 18.94
C LEU B 414 -9.11 -27.58 18.73
N VAL B 415 -9.93 -27.32 17.71
CA VAL B 415 -11.03 -28.20 17.36
C VAL B 415 -11.02 -28.42 15.85
N ASP B 416 -10.80 -29.67 15.44
CA ASP B 416 -10.72 -29.98 14.01
C ASP B 416 -9.69 -29.07 13.33
N GLY B 417 -8.56 -28.83 14.01
CA GLY B 417 -7.50 -28.00 13.49
C GLY B 417 -7.68 -26.50 13.67
N GLU B 418 -8.90 -26.01 13.89
CA GLU B 418 -9.16 -24.59 14.05
C GLU B 418 -8.76 -24.11 15.43
N VAL B 419 -8.23 -22.89 15.50
CA VAL B 419 -7.85 -22.28 16.78
C VAL B 419 -9.10 -21.67 17.39
N VAL B 420 -9.50 -22.19 18.53
CA VAL B 420 -10.60 -21.62 19.29
C VAL B 420 -10.10 -20.69 20.36
N PHE B 421 -9.16 -21.19 21.16
CA PHE B 421 -8.54 -20.40 22.21
C PHE B 421 -7.03 -20.46 21.98
N PRO B 422 -6.39 -19.37 21.61
CA PRO B 422 -4.96 -19.44 21.26
C PRO B 422 -4.09 -19.90 22.42
N PRO B 423 -3.11 -20.76 22.15
CA PRO B 423 -2.00 -20.95 23.10
C PRO B 423 -1.26 -19.65 23.37
N LEU B 424 -0.98 -19.38 24.65
CA LEU B 424 -0.31 -18.17 25.07
C LEU B 424 1.17 -18.41 25.42
N TRP B 425 1.58 -19.64 25.56
CA TRP B 425 3.00 -19.96 25.64
C TRP B 425 3.18 -21.44 25.27
N GLY B 426 4.41 -21.89 25.35
CA GLY B 426 4.71 -23.22 24.84
C GLY B 426 4.98 -23.23 23.35
N PRO B 427 5.22 -24.42 22.82
CA PRO B 427 5.70 -24.55 21.42
C PRO B 427 4.70 -24.14 20.35
N ARG B 428 3.42 -23.98 20.67
CA ARG B 428 2.45 -23.59 19.66
C ARG B 428 1.96 -22.16 19.80
N SER B 429 2.63 -21.32 20.60
CA SER B 429 2.27 -19.91 20.76
C SER B 429 3.19 -19.05 19.88
N TYR B 430 2.99 -17.73 19.94
CA TYR B 430 3.88 -16.82 19.24
C TYR B 430 5.29 -16.96 19.78
N ASN B 431 6.29 -16.61 18.94
CA ASN B 431 7.67 -16.84 19.34
C ASN B 431 8.25 -15.60 20.04
N TRP B 432 9.53 -15.69 20.40
CA TRP B 432 10.15 -14.72 21.28
C TRP B 432 10.46 -13.39 20.62
N GLY B 433 10.32 -13.28 19.30
CA GLY B 433 10.48 -12.00 18.66
C GLY B 433 9.17 -11.27 18.42
N ALA B 434 8.05 -11.93 18.69
CA ALA B 434 6.75 -11.35 18.40
C ALA B 434 6.37 -10.28 19.40
N GLY B 435 5.72 -9.23 18.90
CA GLY B 435 5.37 -8.13 19.78
C GLY B 435 4.61 -8.54 21.03
N MET B 436 3.73 -9.53 20.92
CA MET B 436 2.91 -9.94 22.04
C MET B 436 3.71 -10.49 23.21
N HIS B 437 4.99 -10.84 23.02
CA HIS B 437 5.82 -11.31 24.12
C HIS B 437 6.26 -10.18 25.04
N ARG B 438 6.11 -8.93 24.64
CA ARG B 438 6.49 -7.80 25.49
C ARG B 438 5.41 -7.52 26.51
N VAL B 439 5.83 -7.17 27.73
CA VAL B 439 4.87 -7.05 28.82
C VAL B 439 3.96 -5.84 28.61
N ASP B 440 4.51 -4.71 28.14
CA ASP B 440 3.68 -3.53 27.90
C ASP B 440 2.67 -3.78 26.80
N THR B 441 3.08 -4.43 25.73
CA THR B 441 2.18 -4.66 24.61
C THR B 441 1.07 -5.63 24.98
N ALA B 442 1.43 -6.73 25.63
CA ALA B 442 0.42 -7.70 26.00
C ALA B 442 -0.51 -7.13 27.06
N ALA B 443 0.02 -6.31 27.98
CA ALA B 443 -0.81 -5.68 29.01
C ALA B 443 -1.81 -4.74 28.37
N ALA B 444 -1.41 -4.00 27.33
CA ALA B 444 -2.35 -3.09 26.67
C ALA B 444 -3.43 -3.87 25.94
N PHE B 445 -3.08 -4.99 25.30
CA PHE B 445 -4.08 -5.84 24.69
C PHE B 445 -5.08 -6.35 25.74
N ILE B 446 -4.55 -6.89 26.84
CA ILE B 446 -5.38 -7.56 27.84
C ILE B 446 -6.33 -6.59 28.48
N ALA B 447 -5.80 -5.49 29.02
CA ALA B 447 -6.61 -4.47 29.70
C ALA B 447 -7.82 -4.06 28.88
N ALA B 448 -7.67 -4.00 27.56
CA ALA B 448 -8.77 -3.56 26.70
C ALA B 448 -9.65 -4.69 26.19
N ASN B 449 -9.16 -5.94 26.13
CA ASN B 449 -9.84 -6.96 25.35
C ASN B 449 -10.03 -8.31 26.02
N MET B 450 -9.44 -8.57 27.19
CA MET B 450 -9.59 -9.87 27.83
C MET B 450 -9.91 -9.76 29.32
N PRO B 451 -10.80 -10.61 29.86
CA PRO B 451 -11.46 -11.75 29.23
C PRO B 451 -12.38 -11.36 28.09
N LEU B 452 -12.56 -12.30 27.17
CA LEU B 452 -13.28 -12.07 25.92
C LEU B 452 -14.55 -11.25 26.11
N LEU B 453 -15.40 -11.65 27.04
CA LEU B 453 -16.67 -10.98 27.31
C LEU B 453 -16.53 -10.08 28.52
N ASP B 454 -17.06 -8.85 28.43
CA ASP B 454 -16.81 -7.80 29.44
C ASP B 454 -17.69 -7.90 30.71
N THR B 455 -17.94 -9.12 31.21
CA THR B 455 -18.38 -9.31 32.59
C THR B 455 -17.25 -9.06 33.57
N VAL B 456 -16.00 -9.11 33.11
CA VAL B 456 -14.84 -8.83 33.94
C VAL B 456 -13.97 -7.90 33.14
N ARG B 457 -13.40 -6.88 33.79
CA ARG B 457 -12.40 -6.03 33.16
C ARG B 457 -11.32 -5.73 34.18
N LEU B 458 -10.10 -6.17 33.90
CA LEU B 458 -9.02 -5.97 34.85
C LEU B 458 -8.68 -4.50 34.93
N THR B 459 -8.14 -4.10 36.08
CA THR B 459 -7.51 -2.81 36.23
C THR B 459 -6.17 -2.85 35.51
N PRO B 460 -5.62 -1.70 35.14
CA PRO B 460 -4.30 -1.69 34.49
C PRO B 460 -3.25 -2.51 35.23
N GLN B 461 -3.16 -2.33 36.54
CA GLN B 461 -2.16 -3.08 37.29
C GLN B 461 -2.37 -4.57 37.18
N GLU B 462 -3.62 -5.01 37.19
CA GLU B 462 -3.89 -6.44 36.98
C GLU B 462 -3.42 -6.89 35.60
N ALA B 463 -3.73 -6.10 34.57
CA ALA B 463 -3.28 -6.42 33.22
C ALA B 463 -1.77 -6.50 33.15
N TRP B 464 -1.07 -5.58 33.82
CA TRP B 464 0.40 -5.70 33.85
C TRP B 464 0.82 -7.00 34.50
N ASP B 465 0.18 -7.39 35.60
CA ASP B 465 0.61 -8.57 36.35
C ASP B 465 0.42 -9.82 35.52
N VAL B 466 -0.76 -9.96 34.89
CA VAL B 466 -1.04 -11.19 34.13
C VAL B 466 -0.14 -11.27 32.91
N ALA B 467 0.11 -10.12 32.27
CA ALA B 467 0.97 -10.09 31.10
C ALA B 467 2.37 -10.57 31.44
N ALA B 468 2.89 -10.14 32.58
CA ALA B 468 4.19 -10.62 33.02
C ALA B 468 4.17 -12.12 33.33
N TYR B 469 3.08 -12.64 33.90
CA TYR B 469 3.08 -14.09 34.14
C TYR B 469 3.13 -14.85 32.81
N ILE B 470 2.24 -14.49 31.88
CA ILE B 470 2.18 -15.13 30.57
C ILE B 470 3.52 -15.07 29.87
N ASN B 471 4.10 -13.89 29.79
CA ASN B 471 5.29 -13.72 28.99
C ASN B 471 6.54 -14.01 29.77
N ALA B 472 6.43 -14.70 30.91
CA ALA B 472 7.60 -15.25 31.60
C ALA B 472 7.71 -16.76 31.42
N HIS B 473 7.03 -17.32 30.41
CA HIS B 473 7.08 -18.73 30.04
C HIS B 473 7.91 -18.91 28.77
N GLU B 474 8.44 -20.12 28.58
CA GLU B 474 9.14 -20.36 27.34
C GLU B 474 8.17 -20.48 26.17
N ARG B 475 8.71 -20.26 24.99
CA ARG B 475 7.98 -20.34 23.74
C ARG B 475 9.03 -20.48 22.65
N PRO B 476 8.65 -20.60 21.38
CA PRO B 476 9.65 -20.87 20.35
C PRO B 476 10.66 -19.77 20.30
N GLN B 477 11.89 -20.16 19.96
CA GLN B 477 13.03 -19.26 19.96
C GLN B 477 12.84 -18.07 19.03
N ASP B 478 13.48 -16.97 19.39
CA ASP B 478 13.53 -15.80 18.52
C ASP B 478 14.14 -16.18 17.18
N PRO B 479 13.47 -15.90 16.05
CA PRO B 479 14.11 -16.16 14.74
C PRO B 479 15.44 -15.46 14.57
N ARG B 480 15.70 -14.40 15.36
CA ARG B 480 16.98 -13.69 15.35
C ARG B 480 18.05 -14.31 16.26
N PHE B 481 17.74 -15.42 16.93
CA PHE B 481 18.73 -16.06 17.78
C PHE B 481 20.03 -16.24 17.03
N ASP B 482 21.13 -15.88 17.68
CA ASP B 482 22.46 -15.91 17.09
C ASP B 482 23.38 -16.96 17.72
N GLY B 483 22.82 -17.90 18.50
CA GLY B 483 23.62 -18.90 19.17
C GLY B 483 23.79 -18.70 20.65
N SER B 484 23.74 -17.45 21.12
CA SER B 484 23.81 -17.15 22.54
C SER B 484 22.54 -16.47 23.02
N VAL B 485 21.98 -16.98 24.10
CA VAL B 485 20.84 -16.31 24.70
C VAL B 485 21.26 -14.96 25.24
N GLU B 486 22.43 -14.88 25.91
CA GLU B 486 22.86 -13.60 26.47
C GLU B 486 23.08 -12.57 25.36
N ARG B 487 23.77 -12.92 24.27
CA ARG B 487 23.98 -11.97 23.18
C ARG B 487 22.63 -11.56 22.55
N THR B 488 21.77 -12.56 22.27
CA THR B 488 20.50 -12.27 21.61
C THR B 488 19.65 -11.35 22.47
N ALA B 489 19.70 -11.54 23.80
CA ALA B 489 19.01 -10.66 24.72
C ALA B 489 19.55 -9.25 24.66
N ALA B 490 20.87 -9.12 24.64
CA ALA B 490 21.47 -7.79 24.63
C ALA B 490 21.19 -7.05 23.33
N ARG B 491 21.13 -7.77 22.17
CA ARG B 491 20.93 -7.07 20.88
C ARG B 491 19.47 -6.77 20.56
N PHE B 492 18.53 -7.64 20.94
CA PHE B 492 17.15 -7.51 20.50
C PHE B 492 16.12 -7.44 21.62
N HIS B 493 16.53 -7.50 22.88
CA HIS B 493 15.54 -7.51 23.95
C HIS B 493 15.91 -6.60 25.12
N ALA B 494 16.78 -5.62 24.91
CA ALA B 494 17.28 -4.76 25.99
C ALA B 494 16.29 -3.64 26.28
N SER B 495 15.19 -4.02 26.92
CA SER B 495 14.11 -3.14 27.32
C SER B 495 13.59 -3.58 28.69
N PRO B 496 13.07 -2.64 29.48
CA PRO B 496 12.50 -3.02 30.78
C PRO B 496 11.24 -3.82 30.68
N PHE B 497 10.61 -3.85 29.52
CA PHE B 497 9.35 -4.55 29.33
C PHE B 497 9.54 -5.88 28.60
N ASP B 498 10.80 -6.37 28.46
CA ASP B 498 11.11 -7.60 27.75
C ASP B 498 11.84 -8.52 28.72
N LEU B 499 11.30 -9.71 28.96
CA LEU B 499 11.92 -10.65 29.90
C LEU B 499 12.85 -11.65 29.25
N TYR B 500 13.04 -11.58 27.94
CA TYR B 500 13.94 -12.51 27.31
C TYR B 500 15.34 -12.32 27.89
N GLY B 501 16.00 -13.41 28.29
CA GLY B 501 17.32 -13.37 28.88
C GLY B 501 17.34 -13.27 30.40
N GLU B 502 16.34 -12.64 31.01
CA GLU B 502 16.24 -12.56 32.46
C GLU B 502 15.95 -13.94 33.06
N PRO B 503 16.36 -14.17 34.34
CA PRO B 503 16.18 -15.49 34.98
C PRO B 503 14.83 -15.62 35.70
N LEU B 504 13.74 -15.58 34.95
CA LEU B 504 12.42 -15.55 35.55
C LEU B 504 11.59 -16.77 35.18
N GLY B 505 12.22 -17.82 34.71
CA GLY B 505 11.53 -19.04 34.33
C GLY B 505 11.36 -20.05 35.44
N VAL B 506 11.16 -21.30 35.00
CA VAL B 506 11.03 -22.44 35.90
C VAL B 506 12.28 -22.55 36.74
N ASP B 507 12.12 -22.49 38.07
CA ASP B 507 13.23 -22.52 39.01
C ASP B 507 14.26 -21.47 38.65
N GLY B 508 13.80 -20.33 38.14
CA GLY B 508 14.66 -19.22 37.81
C GLY B 508 15.64 -19.45 36.67
N ALA B 509 15.36 -20.39 35.76
CA ALA B 509 16.16 -20.55 34.55
C ALA B 509 16.06 -19.33 33.65
N VAL B 510 17.10 -19.09 32.85
CA VAL B 510 17.06 -17.94 31.95
C VAL B 510 16.00 -18.18 30.91
N LEU B 511 15.21 -17.15 30.67
CA LEU B 511 14.22 -17.17 29.62
C LEU B 511 14.88 -16.94 28.26
N GLY B 512 14.40 -17.67 27.26
CA GLY B 512 14.77 -17.44 25.89
C GLY B 512 15.55 -18.60 25.33
N GLN B 513 15.29 -19.79 25.84
CA GLN B 513 15.96 -20.99 25.35
C GLN B 513 15.17 -21.74 24.30
N GLY B 514 13.90 -21.42 24.15
CA GLY B 514 13.06 -22.12 23.20
C GLY B 514 12.47 -23.37 23.83
N VAL B 515 11.98 -24.26 22.97
CA VAL B 515 11.26 -25.45 23.42
C VAL B 515 11.87 -26.74 22.88
N ALA B 516 13.20 -26.85 22.87
CA ALA B 516 13.93 -28.04 22.40
C ALA B 516 14.82 -28.63 23.52
#